data_9RO7
#
_entry.id   9RO7
#
_cell.length_a   102.395
_cell.length_b   113.294
_cell.length_c   138.367
_cell.angle_alpha   90.00
_cell.angle_beta   90.00
_cell.angle_gamma   90.00
#
_symmetry.space_group_name_H-M   'P 21 21 21'
#
loop_
_entity.id
_entity.type
_entity.pdbx_description
1 polymer 'B-cell receptor CD22'
2 branched beta-D-mannopyranose-(1-4)-2-acetamido-2-deoxy-beta-D-glucopyranose-(1-4)-2-acetamido-2-deoxy-beta-D-glucopyranose
3 non-polymer '(2R,4S,5R,6R)-5-acetamido-6-[(1S,2S)-1,2-bis(oxidanyl)-3-[(4-phenylphenyl)carbonylamino]propyl]-2-[[1-[(2R)-3-(2-methyl-5-nitro-imidazol-1-yl)-2-oxidanyl-propyl]-1,2,3-triazol-4-yl]methyl]-4-oxidanyl-oxane-2-carboxylic acid'
4 non-polymer 'SULFATE ION'
#
_entity_poly.entity_id   1
_entity_poly.type   'polypeptide(L)'
_entity_poly.pdbx_seq_one_letter_code
;ETGDSSKWVFEHPETLYAWEGACVWIPCTYRALDGDLESFILFHNPEYNKATSKFDGTRLYESTKDGKVPSEQKRVQFLG
DKNKNCTLSIHPVHLADSGQLGLRMESKTEKWMERIHLAVSERPFPPHIQLPPEIQESQEVTLTCLLAFSCYGYPIQLQW
LLEGVPMRQAAVTSTSLTIKSVFTRSELKFSPQWSHHGKIVTCQLQDADGKFLSADTVQLNVKHTPKLEIKVTPSDAIVR
EGDSVTMTCEVSSSNPEYTTVSWLKDGTSLKKQNTFTLNLREVTKDQSGKYCCQVSNDVGPGRSEEVFLQVQYAGGTKHH
HHHH
;
_entity_poly.pdbx_strand_id   A,B,C,D
#
# COMPACT_ATOMS: atom_id res chain seq x y z
N SER A 5 -17.27 2.08 5.35
CA SER A 5 -17.58 0.71 4.94
C SER A 5 -16.35 0.03 4.33
N SER A 6 -15.25 0.02 5.07
CA SER A 6 -14.01 -0.63 4.65
C SER A 6 -13.96 -2.09 5.11
N LYS A 7 -15.06 -2.81 4.86
CA LYS A 7 -15.19 -4.18 5.34
C LYS A 7 -14.22 -5.13 4.66
N TRP A 8 -13.90 -4.87 3.39
CA TRP A 8 -13.02 -5.73 2.61
C TRP A 8 -11.87 -4.89 2.05
N VAL A 9 -10.66 -5.44 2.11
CA VAL A 9 -9.47 -4.75 1.62
C VAL A 9 -8.59 -5.76 0.87
N PHE A 10 -8.47 -5.58 -0.44
CA PHE A 10 -7.71 -6.45 -1.30
C PHE A 10 -6.43 -5.77 -1.75
N GLU A 11 -5.34 -6.53 -1.76
CA GLU A 11 -4.04 -6.06 -2.24
C GLU A 11 -3.63 -6.97 -3.39
N HIS A 12 -3.55 -6.39 -4.58
CA HIS A 12 -3.23 -7.12 -5.81
C HIS A 12 -2.94 -6.09 -6.90
N PRO A 13 -2.20 -6.49 -7.93
CA PRO A 13 -1.96 -5.56 -9.05
C PRO A 13 -3.25 -5.28 -9.80
N GLU A 14 -3.34 -4.05 -10.35
CA GLU A 14 -4.59 -3.64 -10.97
C GLU A 14 -4.77 -4.27 -12.34
N THR A 15 -3.67 -4.62 -12.99
CA THR A 15 -3.78 -5.22 -14.31
C THR A 15 -2.63 -6.20 -14.49
N LEU A 16 -2.94 -7.38 -15.03
CA LEU A 16 -1.95 -8.40 -15.32
C LEU A 16 -1.97 -8.72 -16.82
N TYR A 17 -0.78 -8.74 -17.41
CA TYR A 17 -0.59 -8.92 -18.84
C TYR A 17 0.03 -10.29 -19.12
N ALA A 18 -0.41 -10.91 -20.21
CA ALA A 18 0.18 -12.14 -20.73
C ALA A 18 -0.30 -12.31 -22.17
N TRP A 19 0.04 -13.44 -22.78
CA TRP A 19 -0.36 -13.70 -24.15
C TRP A 19 -0.90 -15.12 -24.28
N GLU A 20 -1.48 -15.41 -25.45
CA GLU A 20 -2.00 -16.73 -25.72
C GLU A 20 -0.89 -17.77 -25.63
N GLY A 21 -1.20 -18.92 -25.07
CA GLY A 21 -0.26 -20.00 -24.95
C GLY A 21 0.55 -20.01 -23.68
N ALA A 22 0.84 -18.85 -23.11
CA ALA A 22 1.66 -18.80 -21.89
C ALA A 22 0.80 -19.10 -20.67
N CYS A 23 1.29 -18.71 -19.50
CA CYS A 23 0.51 -18.82 -18.27
C CYS A 23 0.50 -17.49 -17.57
N VAL A 24 -0.40 -17.36 -16.60
CA VAL A 24 -0.48 -16.16 -15.80
C VAL A 24 -0.60 -16.54 -14.33
N TRP A 25 0.13 -15.81 -13.47
CA TRP A 25 0.15 -16.03 -12.03
C TRP A 25 -0.25 -14.72 -11.36
N ILE A 26 -1.41 -14.73 -10.70
CA ILE A 26 -2.04 -13.51 -10.17
C ILE A 26 -1.89 -13.42 -8.65
N PRO A 27 -0.93 -12.63 -8.15
CA PRO A 27 -0.80 -12.50 -6.70
C PRO A 27 -1.94 -11.69 -6.10
N CYS A 28 -2.42 -12.12 -4.94
CA CYS A 28 -3.61 -11.49 -4.38
C CYS A 28 -3.70 -11.80 -2.89
N THR A 29 -3.99 -10.78 -2.10
CA THR A 29 -4.30 -10.96 -0.68
C THR A 29 -5.54 -10.16 -0.34
N TYR A 30 -6.14 -10.50 0.80
CA TYR A 30 -7.31 -9.78 1.26
C TYR A 30 -7.42 -9.96 2.76
N ARG A 31 -8.24 -9.11 3.36
CA ARG A 31 -8.58 -9.21 4.79
C ARG A 31 -10.08 -8.96 4.89
N ALA A 32 -10.83 -9.99 5.26
CA ALA A 32 -12.26 -9.87 5.47
C ALA A 32 -12.51 -9.60 6.94
N LEU A 33 -12.92 -8.37 7.26
CA LEU A 33 -13.23 -8.02 8.65
C LEU A 33 -14.39 -8.82 9.21
N ASP A 34 -15.15 -9.51 8.37
CA ASP A 34 -16.35 -10.24 8.78
C ASP A 34 -16.13 -11.74 8.66
N GLY A 35 -15.19 -12.24 9.45
CA GLY A 35 -14.97 -13.68 9.52
C GLY A 35 -14.31 -14.24 8.27
N ASP A 36 -14.25 -15.57 8.24
CA ASP A 36 -13.65 -16.32 7.15
C ASP A 36 -14.59 -16.37 5.95
N LEU A 37 -14.17 -17.09 4.91
CA LEU A 37 -14.95 -17.22 3.69
C LEU A 37 -15.87 -18.43 3.76
N GLU A 38 -16.97 -18.34 3.01
CA GLU A 38 -17.92 -19.43 2.88
C GLU A 38 -18.02 -19.95 1.45
N SER A 39 -17.84 -19.08 0.45
CA SER A 39 -17.84 -19.50 -0.94
C SER A 39 -16.97 -18.53 -1.73
N PHE A 40 -16.43 -19.03 -2.84
CA PHE A 40 -15.57 -18.26 -3.72
C PHE A 40 -15.84 -18.68 -5.15
N ILE A 41 -16.32 -17.75 -5.97
CA ILE A 41 -16.57 -18.00 -7.38
C ILE A 41 -15.69 -17.06 -8.18
N LEU A 42 -15.18 -17.54 -9.31
CA LEU A 42 -14.37 -16.74 -10.22
C LEU A 42 -15.13 -16.59 -11.54
N PHE A 43 -15.69 -15.42 -11.78
CA PHE A 43 -16.37 -15.12 -13.03
C PHE A 43 -15.40 -14.57 -14.07
N HIS A 44 -15.78 -14.71 -15.33
CA HIS A 44 -15.09 -14.01 -16.43
C HIS A 44 -16.08 -13.02 -17.05
N ASN A 45 -15.79 -11.74 -16.91
CA ASN A 45 -16.72 -10.70 -17.38
C ASN A 45 -18.10 -10.93 -16.80
N PRO A 46 -18.28 -10.85 -15.47
CA PRO A 46 -19.63 -10.95 -14.91
C PRO A 46 -20.45 -9.71 -15.23
N GLU A 47 -21.70 -9.93 -15.62
CA GLU A 47 -22.66 -8.86 -15.87
C GLU A 47 -23.69 -8.86 -14.75
N TYR A 48 -23.85 -7.71 -14.09
CA TYR A 48 -24.79 -7.59 -12.98
C TYR A 48 -26.19 -7.36 -13.54
N ASN A 49 -27.10 -8.31 -13.30
CA ASN A 49 -28.48 -8.20 -13.77
C ASN A 49 -29.25 -7.29 -12.81
N LYS A 50 -29.55 -6.08 -13.27
CA LYS A 50 -30.19 -5.09 -12.41
C LYS A 50 -31.59 -5.52 -11.96
N ALA A 51 -32.20 -6.47 -12.66
CA ALA A 51 -33.52 -6.96 -12.30
C ALA A 51 -33.46 -7.86 -11.07
N THR A 52 -32.71 -8.95 -11.16
CA THR A 52 -32.58 -9.90 -10.06
C THR A 52 -31.58 -9.46 -9.02
N SER A 53 -30.83 -8.38 -9.30
CA SER A 53 -29.79 -7.87 -8.40
C SER A 53 -28.79 -8.96 -8.03
N LYS A 54 -28.37 -9.75 -9.02
CA LYS A 54 -27.32 -10.75 -8.83
C LYS A 54 -26.35 -10.67 -10.01
N PHE A 55 -25.31 -11.50 -9.96
CA PHE A 55 -24.27 -11.51 -10.98
C PHE A 55 -24.40 -12.76 -11.84
N ASP A 56 -24.36 -12.58 -13.15
CA ASP A 56 -24.41 -13.66 -14.13
C ASP A 56 -23.07 -13.80 -14.82
N GLY A 57 -23.00 -14.65 -15.83
CA GLY A 57 -21.80 -14.80 -16.64
C GLY A 57 -21.12 -16.14 -16.42
N THR A 58 -20.14 -16.39 -17.28
CA THR A 58 -19.42 -17.65 -17.25
C THR A 58 -18.56 -17.74 -16.00
N ARG A 59 -18.72 -18.83 -15.25
CA ARG A 59 -17.97 -19.06 -14.01
C ARG A 59 -16.77 -19.95 -14.31
N LEU A 60 -15.57 -19.45 -14.03
CA LEU A 60 -14.34 -20.20 -14.27
C LEU A 60 -13.92 -21.04 -13.08
N TYR A 61 -14.49 -20.79 -11.91
CA TYR A 61 -14.12 -21.54 -10.72
C TYR A 61 -15.19 -21.36 -9.66
N GLU A 62 -15.64 -22.46 -9.07
CA GLU A 62 -16.62 -22.44 -7.99
C GLU A 62 -16.06 -23.25 -6.82
N SER A 63 -15.92 -22.60 -5.67
CA SER A 63 -15.38 -23.28 -4.50
C SER A 63 -16.24 -24.44 -4.04
N THR A 64 -17.52 -24.44 -4.39
CA THR A 64 -18.43 -25.51 -4.00
C THR A 64 -18.43 -26.70 -4.97
N LYS A 65 -17.86 -26.54 -6.17
CA LYS A 65 -17.88 -27.62 -7.17
C LYS A 65 -16.46 -28.09 -7.50
N ASP A 66 -15.84 -27.50 -8.54
CA ASP A 66 -14.49 -27.87 -8.93
C ASP A 66 -13.42 -27.45 -7.94
N GLY A 67 -13.80 -26.93 -6.77
CA GLY A 67 -12.83 -26.56 -5.75
C GLY A 67 -13.06 -27.31 -4.45
N LYS A 68 -14.09 -28.16 -4.46
CA LYS A 68 -14.35 -29.01 -3.30
C LYS A 68 -13.24 -30.04 -3.13
N VAL A 69 -12.77 -30.62 -4.24
CA VAL A 69 -11.59 -31.47 -4.28
C VAL A 69 -10.66 -30.94 -5.36
N PRO A 70 -9.56 -30.29 -4.99
CA PRO A 70 -8.66 -29.72 -6.01
C PRO A 70 -8.14 -30.79 -6.95
N SER A 71 -8.23 -30.51 -8.25
CA SER A 71 -7.97 -31.53 -9.25
C SER A 71 -6.53 -31.55 -9.75
N GLU A 72 -5.76 -30.48 -9.53
CA GLU A 72 -4.37 -30.35 -9.95
C GLU A 72 -4.20 -30.27 -11.46
N GLN A 73 -5.10 -30.88 -12.22
CA GLN A 73 -5.13 -30.73 -13.67
C GLN A 73 -5.89 -29.50 -14.11
N LYS A 74 -6.58 -28.82 -13.18
CA LYS A 74 -7.42 -27.68 -13.54
C LYS A 74 -6.58 -26.61 -14.23
N ARG A 75 -7.09 -26.08 -15.34
CA ARG A 75 -6.44 -24.95 -15.98
C ARG A 75 -6.47 -23.75 -15.05
N VAL A 76 -7.65 -23.42 -14.52
CA VAL A 76 -7.81 -22.32 -13.58
C VAL A 76 -7.78 -22.89 -12.17
N GLN A 77 -6.85 -22.40 -11.35
CA GLN A 77 -6.69 -22.90 -9.99
C GLN A 77 -6.70 -21.76 -8.99
N PHE A 78 -7.36 -21.98 -7.86
CA PHE A 78 -7.37 -21.04 -6.74
C PHE A 78 -6.41 -21.57 -5.67
N LEU A 79 -5.32 -20.84 -5.45
CA LEU A 79 -4.26 -21.23 -4.53
C LEU A 79 -4.36 -20.56 -3.17
N GLY A 80 -5.49 -19.92 -2.87
CA GLY A 80 -5.65 -19.19 -1.64
C GLY A 80 -6.35 -19.97 -0.55
N ASP A 81 -6.52 -19.31 0.60
CA ASP A 81 -7.18 -19.92 1.74
C ASP A 81 -8.53 -19.28 2.04
N LYS A 82 -8.89 -19.19 3.31
CA LYS A 82 -10.20 -18.76 3.72
C LYS A 82 -10.27 -17.33 4.22
N ASN A 83 -9.15 -16.64 4.37
CA ASN A 83 -9.21 -15.32 4.99
C ASN A 83 -7.97 -14.47 4.74
N LYS A 84 -7.09 -14.88 3.83
CA LYS A 84 -5.86 -14.13 3.62
C LYS A 84 -5.46 -14.02 2.16
N ASN A 85 -5.51 -15.14 1.44
CA ASN A 85 -4.82 -15.30 0.18
C ASN A 85 -5.84 -15.56 -0.93
N CYS A 86 -5.74 -14.82 -2.04
CA CYS A 86 -6.64 -15.01 -3.16
C CYS A 86 -5.87 -15.21 -4.47
N THR A 87 -4.66 -15.76 -4.39
CA THR A 87 -3.81 -15.93 -5.55
C THR A 87 -4.42 -16.91 -6.55
N LEU A 88 -4.71 -16.43 -7.75
CA LEU A 88 -5.23 -17.25 -8.84
C LEU A 88 -4.11 -17.62 -9.82
N SER A 89 -4.40 -18.57 -10.71
CA SER A 89 -3.41 -19.06 -11.67
C SER A 89 -4.09 -19.81 -12.80
N ILE A 90 -3.87 -19.35 -14.03
CA ILE A 90 -4.46 -19.96 -15.22
C ILE A 90 -3.32 -20.45 -16.09
N HIS A 91 -3.21 -21.75 -16.23
CA HIS A 91 -2.08 -22.35 -16.94
C HIS A 91 -2.57 -23.51 -17.80
N PRO A 92 -2.59 -23.34 -19.12
CA PRO A 92 -2.20 -22.11 -19.81
C PRO A 92 -3.36 -21.11 -19.92
N VAL A 93 -3.04 -19.85 -20.09
CA VAL A 93 -4.07 -18.84 -20.30
C VAL A 93 -4.38 -18.75 -21.79
N HIS A 94 -5.61 -18.36 -22.12
CA HIS A 94 -6.03 -18.27 -23.50
C HIS A 94 -6.51 -16.86 -23.84
N LEU A 95 -6.63 -16.60 -25.14
CA LEU A 95 -7.16 -15.32 -25.59
C LEU A 95 -8.60 -15.12 -25.15
N ALA A 96 -9.36 -16.20 -25.04
CA ALA A 96 -10.73 -16.12 -24.53
C ALA A 96 -10.80 -15.78 -23.05
N ASP A 97 -9.65 -15.71 -22.38
CA ASP A 97 -9.62 -15.31 -20.98
C ASP A 97 -9.41 -13.82 -20.81
N SER A 98 -8.98 -13.14 -21.86
CA SER A 98 -8.75 -11.70 -21.75
C SER A 98 -10.04 -10.99 -21.41
N GLY A 99 -9.98 -10.12 -20.41
CA GLY A 99 -11.17 -9.42 -19.96
C GLY A 99 -11.00 -8.96 -18.53
N GLN A 100 -12.13 -8.89 -17.85
CA GLN A 100 -12.18 -8.46 -16.46
C GLN A 100 -12.67 -9.64 -15.63
N LEU A 101 -11.84 -10.03 -14.66
CA LEU A 101 -12.17 -11.12 -13.74
C LEU A 101 -12.86 -10.60 -12.49
N GLY A 102 -13.79 -11.40 -12.00
CA GLY A 102 -14.57 -11.05 -10.84
C GLY A 102 -14.32 -12.09 -9.77
N LEU A 103 -13.99 -11.59 -8.57
CA LEU A 103 -13.73 -12.41 -7.41
C LEU A 103 -14.93 -12.26 -6.47
N ARG A 104 -15.98 -13.00 -6.78
CA ARG A 104 -17.19 -13.03 -5.96
C ARG A 104 -16.95 -13.89 -4.73
N MET A 105 -17.00 -13.26 -3.54
CA MET A 105 -16.72 -13.92 -2.28
C MET A 105 -17.86 -13.67 -1.30
N GLU A 106 -18.17 -14.68 -0.48
CA GLU A 106 -19.24 -14.59 0.51
C GLU A 106 -18.75 -15.09 1.86
N SER A 107 -19.18 -14.42 2.93
CA SER A 107 -18.83 -14.81 4.29
C SER A 107 -20.08 -15.09 5.12
N LYS A 108 -20.16 -14.51 6.31
CA LYS A 108 -21.32 -14.65 7.18
C LYS A 108 -22.22 -13.44 6.98
N THR A 109 -23.32 -13.64 6.26
CA THR A 109 -24.40 -12.67 6.01
C THR A 109 -23.98 -11.50 5.13
N GLU A 110 -22.71 -11.40 4.73
CA GLU A 110 -22.30 -10.34 3.80
C GLU A 110 -21.37 -10.92 2.74
N LYS A 111 -21.31 -10.23 1.60
CA LYS A 111 -20.58 -10.73 0.44
C LYS A 111 -19.97 -9.56 -0.32
N TRP A 112 -19.01 -9.90 -1.18
CA TRP A 112 -18.19 -8.90 -1.85
C TRP A 112 -17.76 -9.42 -3.21
N MET A 113 -17.56 -8.49 -4.14
CA MET A 113 -17.07 -8.79 -5.48
C MET A 113 -15.87 -7.91 -5.77
N GLU A 114 -14.80 -8.52 -6.30
CA GLU A 114 -13.54 -7.83 -6.55
C GLU A 114 -13.11 -8.02 -7.99
N ARG A 115 -12.68 -6.92 -8.61
CA ARG A 115 -12.32 -6.88 -10.02
C ARG A 115 -10.82 -7.01 -10.20
N ILE A 116 -10.41 -7.83 -11.16
CA ILE A 116 -9.02 -7.93 -11.57
C ILE A 116 -8.97 -7.98 -13.10
N HIS A 117 -8.18 -7.09 -13.69
CA HIS A 117 -8.10 -7.01 -15.14
C HIS A 117 -7.02 -7.96 -15.66
N LEU A 118 -7.37 -8.76 -16.66
CA LEU A 118 -6.49 -9.79 -17.22
C LEU A 118 -6.35 -9.56 -18.72
N ALA A 119 -5.28 -8.88 -19.11
CA ALA A 119 -5.05 -8.50 -20.49
C ALA A 119 -4.18 -9.55 -21.17
N VAL A 120 -4.80 -10.34 -22.06
CA VAL A 120 -4.12 -11.43 -22.75
C VAL A 120 -4.22 -11.16 -24.24
N SER A 121 -3.09 -10.93 -24.88
CA SER A 121 -3.06 -10.61 -26.29
C SER A 121 -2.72 -11.85 -27.11
N GLU A 122 -3.05 -11.81 -28.40
CA GLU A 122 -2.90 -13.02 -29.21
C GLU A 122 -1.44 -13.38 -29.41
N ARG A 123 -0.57 -12.39 -29.54
CA ARG A 123 0.86 -12.56 -29.74
C ARG A 123 1.62 -11.99 -28.55
N PRO A 124 2.85 -12.45 -28.31
CA PRO A 124 3.64 -11.91 -27.20
C PRO A 124 3.98 -10.44 -27.42
N PHE A 125 3.61 -9.62 -26.44
CA PHE A 125 3.88 -8.19 -26.57
C PHE A 125 5.37 -7.92 -26.41
N PRO A 126 5.88 -6.85 -27.03
CA PRO A 126 7.32 -6.57 -26.99
C PRO A 126 7.74 -5.98 -25.65
N PRO A 127 9.03 -6.17 -25.26
CA PRO A 127 9.54 -5.51 -24.05
C PRO A 127 9.88 -4.06 -24.31
N HIS A 128 10.72 -3.48 -23.45
CA HIS A 128 11.02 -2.06 -23.58
C HIS A 128 12.40 -1.77 -23.01
N ILE A 129 13.22 -1.08 -23.81
CA ILE A 129 14.57 -0.71 -23.40
C ILE A 129 14.54 0.72 -22.89
N GLN A 130 15.10 0.93 -21.70
CA GLN A 130 15.18 2.24 -21.08
C GLN A 130 16.63 2.71 -21.12
N LEU A 131 16.93 3.68 -22.02
CA LEU A 131 18.28 4.16 -22.25
C LEU A 131 18.61 5.33 -21.31
N PRO A 132 19.87 5.43 -20.90
CA PRO A 132 20.31 6.64 -20.21
C PRO A 132 20.19 7.84 -21.12
N PRO A 133 20.02 9.04 -20.56
CA PRO A 133 19.77 10.20 -21.43
C PRO A 133 21.00 10.66 -22.19
N GLU A 134 22.20 10.45 -21.63
CA GLU A 134 23.45 10.84 -22.28
C GLU A 134 24.43 9.69 -22.17
N ILE A 135 24.76 9.06 -23.30
CA ILE A 135 25.72 7.98 -23.35
C ILE A 135 27.00 8.49 -23.99
N GLN A 136 28.12 8.34 -23.28
CA GLN A 136 29.39 8.87 -23.73
C GLN A 136 30.44 7.77 -23.76
N GLU A 137 31.44 7.94 -24.63
CA GLU A 137 32.44 6.91 -24.84
C GLU A 137 33.27 6.70 -23.58
N SER A 138 33.66 5.45 -23.37
CA SER A 138 34.48 5.02 -22.24
C SER A 138 33.82 5.30 -20.88
N GLN A 139 32.50 5.46 -20.86
CA GLN A 139 31.75 5.66 -19.62
C GLN A 139 30.71 4.56 -19.50
N GLU A 140 30.85 3.72 -18.49
CA GLU A 140 29.97 2.57 -18.34
C GLU A 140 28.52 3.01 -18.16
N VAL A 141 27.63 2.39 -18.93
CA VAL A 141 26.20 2.67 -18.82
C VAL A 141 25.48 1.36 -18.53
N THR A 142 24.27 1.50 -18.00
CA THR A 142 23.44 0.35 -17.67
C THR A 142 22.16 0.43 -18.48
N LEU A 143 22.03 -0.47 -19.46
CA LEU A 143 20.83 -0.56 -20.26
C LEU A 143 19.82 -1.42 -19.53
N THR A 144 18.57 -0.94 -19.48
CA THR A 144 17.50 -1.62 -18.76
C THR A 144 16.45 -2.07 -19.77
N CYS A 145 16.22 -3.38 -19.82
CA CYS A 145 15.13 -3.95 -20.61
C CYS A 145 14.11 -4.56 -19.67
N LEU A 146 12.90 -4.03 -19.69
CA LEU A 146 11.82 -4.46 -18.82
C LEU A 146 10.77 -5.21 -19.64
N LEU A 147 10.05 -6.12 -18.97
CA LEU A 147 8.90 -6.81 -19.57
C LEU A 147 7.84 -6.98 -18.50
N ALA A 148 6.62 -6.53 -18.78
CA ALA A 148 5.53 -6.57 -17.79
C ALA A 148 4.85 -7.95 -17.77
N PHE A 149 5.67 -8.97 -17.52
CA PHE A 149 5.16 -10.33 -17.48
C PHE A 149 6.11 -11.19 -16.66
N SER A 150 5.54 -12.16 -15.97
CA SER A 150 6.32 -13.16 -15.24
C SER A 150 5.38 -14.20 -14.67
N CYS A 151 5.56 -15.44 -15.11
CA CYS A 151 4.73 -16.54 -14.66
C CYS A 151 5.61 -17.77 -14.44
N TYR A 152 5.26 -18.56 -13.43
CA TYR A 152 6.10 -19.70 -13.08
C TYR A 152 6.02 -20.81 -14.13
N GLY A 153 4.80 -21.14 -14.57
CA GLY A 153 4.62 -22.24 -15.49
C GLY A 153 5.09 -21.97 -16.91
N TYR A 154 5.77 -20.84 -17.11
CA TYR A 154 6.26 -20.46 -18.44
C TYR A 154 7.46 -19.57 -18.26
N PRO A 155 8.65 -20.15 -18.13
CA PRO A 155 9.86 -19.34 -17.94
C PRO A 155 10.31 -18.69 -19.23
N ILE A 156 10.85 -17.47 -19.10
CA ILE A 156 11.27 -16.66 -20.23
C ILE A 156 12.70 -16.21 -20.00
N GLN A 157 13.25 -15.52 -20.99
CA GLN A 157 14.59 -14.96 -20.90
C GLN A 157 14.69 -13.76 -21.83
N LEU A 158 15.49 -12.79 -21.40
CA LEU A 158 15.77 -11.59 -22.18
C LEU A 158 17.21 -11.64 -22.67
N GLN A 159 17.39 -11.47 -23.98
CA GLN A 159 18.69 -11.57 -24.63
C GLN A 159 19.06 -10.24 -25.30
N TRP A 160 20.27 -9.76 -25.04
CA TRP A 160 20.76 -8.49 -25.58
C TRP A 160 21.55 -8.71 -26.87
N LEU A 161 21.10 -8.10 -27.95
CA LEU A 161 21.79 -8.19 -29.24
C LEU A 161 22.28 -6.80 -29.64
N LEU A 162 23.55 -6.73 -30.01
CA LEU A 162 24.12 -5.53 -30.60
C LEU A 162 24.38 -5.80 -32.07
N GLU A 163 23.75 -5.00 -32.94
CA GLU A 163 23.90 -5.16 -34.39
C GLU A 163 23.57 -6.58 -34.83
N GLY A 164 22.49 -7.14 -34.29
CA GLY A 164 22.11 -8.49 -34.65
C GLY A 164 22.99 -9.60 -34.10
N VAL A 165 23.89 -9.29 -33.18
CA VAL A 165 24.81 -10.29 -32.65
C VAL A 165 24.79 -10.22 -31.14
N PRO A 166 24.75 -11.35 -30.44
CA PRO A 166 24.73 -11.33 -28.98
C PRO A 166 25.91 -10.55 -28.42
N MET A 167 25.70 -9.99 -27.24
CA MET A 167 26.72 -9.18 -26.59
C MET A 167 27.47 -10.04 -25.58
N ARG A 168 28.80 -9.91 -25.55
CA ARG A 168 29.60 -10.70 -24.64
C ARG A 168 29.41 -10.31 -23.19
N GLN A 169 28.97 -9.07 -22.93
CA GLN A 169 28.80 -8.62 -21.56
C GLN A 169 27.66 -9.36 -20.91
N ALA A 170 27.87 -9.82 -19.68
CA ALA A 170 26.84 -10.56 -18.97
C ALA A 170 25.75 -9.62 -18.51
N ALA A 171 24.54 -10.16 -18.43
CA ALA A 171 23.39 -9.42 -17.94
C ALA A 171 22.97 -9.96 -16.59
N VAL A 172 22.08 -9.22 -15.95
CA VAL A 172 21.48 -9.60 -14.68
C VAL A 172 19.98 -9.57 -14.88
N THR A 173 19.35 -10.74 -14.81
CA THR A 173 17.90 -10.85 -14.97
C THR A 173 17.24 -11.11 -13.62
N SER A 174 16.25 -10.31 -13.30
CA SER A 174 15.50 -10.47 -12.05
C SER A 174 14.02 -10.39 -12.34
N THR A 175 13.23 -11.17 -11.59
CA THR A 175 11.79 -11.17 -11.75
C THR A 175 11.12 -10.81 -10.44
N SER A 176 10.04 -10.04 -10.53
CA SER A 176 9.21 -9.71 -9.39
C SER A 176 7.80 -10.21 -9.66
N LEU A 177 7.25 -10.95 -8.70
CA LEU A 177 5.93 -11.54 -8.82
C LEU A 177 5.18 -11.34 -7.50
N THR A 178 5.00 -10.07 -7.14
CA THR A 178 4.39 -9.69 -5.87
C THR A 178 3.00 -9.09 -6.12
N ILE A 179 2.32 -8.73 -5.02
CA ILE A 179 1.01 -8.10 -5.16
C ILE A 179 1.10 -6.65 -5.59
N LYS A 180 2.32 -6.13 -5.74
CA LYS A 180 2.50 -4.73 -6.11
C LYS A 180 2.91 -4.55 -7.57
N SER A 181 3.86 -5.34 -8.05
CA SER A 181 4.27 -5.24 -9.44
C SER A 181 4.73 -6.60 -9.96
N VAL A 182 4.45 -6.87 -11.22
CA VAL A 182 4.82 -8.12 -11.89
C VAL A 182 5.63 -7.78 -13.14
N PHE A 183 6.88 -8.25 -13.19
CA PHE A 183 7.74 -7.90 -14.31
C PHE A 183 8.97 -8.81 -14.33
N THR A 184 9.68 -8.75 -15.46
CA THR A 184 10.94 -9.45 -15.67
C THR A 184 11.93 -8.44 -16.22
N ARG A 185 12.91 -8.06 -15.41
CA ARG A 185 13.88 -7.03 -15.80
C ARG A 185 15.22 -7.68 -16.09
N SER A 186 15.94 -7.13 -17.06
CA SER A 186 17.30 -7.56 -17.35
C SER A 186 18.17 -6.35 -17.58
N GLU A 187 19.18 -6.16 -16.72
CA GLU A 187 20.09 -5.02 -16.84
C GLU A 187 21.43 -5.48 -17.37
N LEU A 188 22.04 -4.66 -18.22
CA LEU A 188 23.33 -4.97 -18.83
C LEU A 188 24.23 -3.74 -18.78
N LYS A 189 25.44 -3.94 -18.29
CA LYS A 189 26.49 -2.93 -18.25
C LYS A 189 27.52 -3.21 -19.33
N PHE A 190 28.01 -2.14 -19.95
CA PHE A 190 29.05 -2.23 -20.97
C PHE A 190 29.61 -0.83 -21.20
N SER A 191 30.93 -0.77 -21.47
CA SER A 191 31.59 0.50 -21.77
C SER A 191 31.53 0.75 -23.27
N PRO A 192 30.77 1.74 -23.72
CA PRO A 192 30.60 1.94 -25.16
C PRO A 192 31.79 2.64 -25.79
N GLN A 193 32.12 2.21 -27.00
CA GLN A 193 33.11 2.90 -27.80
C GLN A 193 32.43 3.94 -28.68
N TRP A 194 33.24 4.76 -29.34
CA TRP A 194 32.67 5.76 -30.25
C TRP A 194 31.95 5.10 -31.42
N SER A 195 32.43 3.94 -31.86
CA SER A 195 31.82 3.27 -33.00
C SER A 195 30.40 2.81 -32.71
N HIS A 196 30.06 2.64 -31.44
CA HIS A 196 28.70 2.25 -31.06
C HIS A 196 27.67 3.30 -31.40
N HIS A 197 28.10 4.51 -31.77
CA HIS A 197 27.16 5.54 -32.14
C HIS A 197 26.43 5.14 -33.42
N GLY A 198 25.10 5.20 -33.39
CA GLY A 198 24.30 4.83 -34.53
C GLY A 198 24.05 3.35 -34.68
N LYS A 199 24.60 2.53 -33.80
CA LYS A 199 24.37 1.10 -33.86
C LYS A 199 23.09 0.73 -33.15
N ILE A 200 22.58 -0.45 -33.49
CA ILE A 200 21.29 -0.93 -33.02
C ILE A 200 21.50 -1.86 -31.84
N VAL A 201 20.78 -1.60 -30.74
CA VAL A 201 20.77 -2.49 -29.59
C VAL A 201 19.39 -3.10 -29.47
N THR A 202 19.33 -4.42 -29.47
CA THR A 202 18.07 -5.15 -29.40
C THR A 202 17.98 -5.91 -28.09
N CYS A 203 16.76 -6.01 -27.56
CA CYS A 203 16.47 -6.84 -26.40
C CYS A 203 15.39 -7.81 -26.83
N GLN A 204 15.73 -9.11 -26.91
CA GLN A 204 14.83 -10.13 -27.44
C GLN A 204 14.18 -10.91 -26.31
N LEU A 205 12.92 -11.27 -26.51
CA LEU A 205 12.18 -12.12 -25.59
C LEU A 205 12.16 -13.53 -26.14
N GLN A 206 12.58 -14.48 -25.32
CA GLN A 206 12.65 -15.88 -25.72
C GLN A 206 12.15 -16.75 -24.59
N ASP A 207 11.64 -17.92 -24.95
CA ASP A 207 11.16 -18.88 -23.96
C ASP A 207 12.32 -19.68 -23.37
N ALA A 208 12.01 -20.78 -22.70
CA ALA A 208 13.05 -21.60 -22.11
C ALA A 208 13.95 -22.19 -23.19
N ASP A 209 13.35 -22.70 -24.26
CA ASP A 209 14.10 -23.31 -25.35
C ASP A 209 14.82 -22.30 -26.24
N GLY A 210 14.68 -21.00 -25.96
CA GLY A 210 15.32 -19.97 -26.76
C GLY A 210 14.58 -19.56 -28.01
N LYS A 211 13.32 -19.94 -28.16
CA LYS A 211 12.54 -19.54 -29.34
C LYS A 211 12.16 -18.07 -29.25
N PHE A 212 12.33 -17.36 -30.36
CA PHE A 212 12.08 -15.92 -30.38
C PHE A 212 10.61 -15.63 -30.16
N LEU A 213 10.31 -14.74 -29.20
CA LEU A 213 8.95 -14.33 -28.90
C LEU A 213 8.67 -12.90 -29.32
N SER A 214 9.37 -11.92 -28.75
CA SER A 214 9.20 -10.52 -29.13
C SER A 214 10.53 -9.80 -28.84
N ALA A 215 10.62 -8.53 -29.25
CA ALA A 215 11.85 -7.78 -29.01
C ALA A 215 11.58 -6.30 -29.13
N ASP A 216 12.55 -5.50 -28.70
CA ASP A 216 12.50 -4.04 -28.80
C ASP A 216 13.89 -3.53 -29.15
N THR A 217 13.98 -2.70 -30.19
CA THR A 217 15.26 -2.21 -30.69
C THR A 217 15.40 -0.72 -30.46
N VAL A 218 16.63 -0.28 -30.21
CA VAL A 218 16.95 1.14 -30.05
C VAL A 218 18.27 1.43 -30.75
N GLN A 219 18.52 2.71 -31.01
CA GLN A 219 19.73 3.16 -31.67
C GLN A 219 20.50 4.07 -30.73
N LEU A 220 21.78 3.75 -30.50
CA LEU A 220 22.56 4.45 -29.49
C LEU A 220 23.00 5.82 -29.97
N ASN A 221 22.97 6.78 -29.05
CA ASN A 221 23.45 8.13 -29.30
C ASN A 221 24.67 8.33 -28.40
N VAL A 222 25.81 7.87 -28.87
CA VAL A 222 27.04 7.87 -28.09
C VAL A 222 27.83 9.13 -28.43
N LYS A 223 27.97 10.01 -27.44
CA LYS A 223 28.82 11.18 -27.60
C LYS A 223 30.29 10.75 -27.67
N HIS A 224 31.07 11.43 -28.51
CA HIS A 224 32.49 11.12 -28.62
C HIS A 224 33.24 12.31 -29.17
N THR A 225 34.55 12.29 -28.94
CA THR A 225 35.42 13.32 -29.49
C THR A 225 35.63 13.11 -30.99
N PRO A 226 35.86 14.19 -31.74
CA PRO A 226 36.02 14.06 -33.19
C PRO A 226 37.18 13.16 -33.56
N LYS A 227 36.86 12.07 -34.24
CA LYS A 227 37.86 11.18 -34.82
C LYS A 227 38.22 11.70 -36.20
N LEU A 228 39.48 12.03 -36.42
CA LEU A 228 39.93 12.76 -37.59
C LEU A 228 40.79 11.91 -38.51
N GLU A 229 40.85 12.33 -39.77
CA GLU A 229 41.69 11.71 -40.78
C GLU A 229 42.43 12.80 -41.55
N ILE A 230 43.74 12.66 -41.68
CA ILE A 230 44.60 13.69 -42.25
C ILE A 230 45.19 13.21 -43.58
N LYS A 231 45.27 14.12 -44.54
CA LYS A 231 45.86 13.88 -45.84
C LYS A 231 46.92 14.94 -46.10
N VAL A 232 47.86 14.60 -46.98
CA VAL A 232 48.98 15.50 -47.27
C VAL A 232 49.40 15.32 -48.73
N THR A 233 49.72 16.44 -49.37
CA THR A 233 50.17 16.48 -50.76
C THR A 233 51.54 17.15 -50.81
N PRO A 234 52.60 16.46 -51.29
CA PRO A 234 52.63 15.11 -51.86
C PRO A 234 52.46 14.01 -50.82
N SER A 235 51.99 12.86 -51.29
CA SER A 235 51.71 11.75 -50.38
C SER A 235 52.98 11.25 -49.72
N ASP A 236 54.11 11.29 -50.44
CA ASP A 236 55.36 10.83 -49.84
C ASP A 236 55.92 11.81 -48.82
N ALA A 237 55.44 13.06 -48.82
CA ALA A 237 55.91 14.10 -47.90
C ALA A 237 57.42 14.30 -48.05
N ILE A 238 57.81 14.76 -49.24
CA ILE A 238 59.19 15.10 -49.55
C ILE A 238 59.18 16.42 -50.33
N VAL A 239 60.04 17.35 -49.94
CA VAL A 239 59.97 18.69 -50.53
C VAL A 239 61.34 19.37 -50.43
N ARG A 240 61.48 20.52 -51.11
CA ARG A 240 62.63 21.39 -50.97
C ARG A 240 62.16 22.76 -50.51
N GLU A 241 63.11 23.56 -50.02
CA GLU A 241 62.75 24.86 -49.45
C GLU A 241 62.06 25.73 -50.49
N GLY A 242 61.10 26.55 -50.04
CA GLY A 242 60.36 27.42 -50.91
C GLY A 242 59.15 26.80 -51.60
N ASP A 243 59.13 25.48 -51.76
CA ASP A 243 58.05 24.77 -52.42
C ASP A 243 56.84 24.65 -51.49
N SER A 244 55.69 24.38 -52.10
CA SER A 244 54.41 24.42 -51.40
C SER A 244 54.00 23.03 -50.93
N VAL A 245 53.32 23.01 -49.78
CA VAL A 245 52.77 21.79 -49.21
C VAL A 245 51.36 22.10 -48.70
N THR A 246 50.43 21.20 -48.96
CA THR A 246 49.05 21.35 -48.50
C THR A 246 48.63 20.12 -47.72
N MET A 247 48.08 20.33 -46.53
CA MET A 247 47.52 19.28 -45.70
C MET A 247 46.06 19.56 -45.44
N THR A 248 45.25 18.50 -45.45
CA THR A 248 43.82 18.59 -45.24
C THR A 248 43.42 17.77 -44.02
N CYS A 249 42.38 18.24 -43.34
CA CYS A 249 41.87 17.63 -42.11
C CYS A 249 40.38 17.38 -42.30
N GLU A 250 39.97 16.12 -42.20
CA GLU A 250 38.58 15.73 -42.43
C GLU A 250 38.03 15.06 -41.19
N VAL A 251 36.90 15.56 -40.70
CA VAL A 251 36.24 14.98 -39.53
C VAL A 251 35.44 13.78 -40.00
N SER A 252 35.88 12.57 -39.62
CA SER A 252 35.20 11.36 -40.05
C SER A 252 34.02 11.02 -39.16
N SER A 253 34.06 11.43 -37.89
CA SER A 253 32.96 11.21 -36.97
C SER A 253 33.08 12.20 -35.82
N SER A 254 31.95 12.74 -35.38
CA SER A 254 31.95 13.61 -34.21
C SER A 254 30.52 13.77 -33.74
N ASN A 255 30.28 13.41 -32.47
CA ASN A 255 28.95 13.55 -31.87
C ASN A 255 29.14 14.28 -30.55
N PRO A 256 28.66 15.53 -30.42
CA PRO A 256 27.97 16.25 -31.50
C PRO A 256 28.92 16.86 -32.51
N GLU A 257 28.37 17.68 -33.41
CA GLU A 257 29.19 18.32 -34.44
C GLU A 257 30.30 19.14 -33.80
N TYR A 258 31.36 19.38 -34.59
CA TYR A 258 32.58 19.99 -34.09
C TYR A 258 32.39 21.50 -33.87
N THR A 259 33.35 22.10 -33.16
CA THR A 259 33.33 23.52 -32.85
C THR A 259 34.53 24.26 -33.43
N THR A 260 35.75 23.88 -33.04
CA THR A 260 36.98 24.54 -33.47
C THR A 260 37.92 23.53 -34.12
N VAL A 261 38.92 24.07 -34.82
CA VAL A 261 39.90 23.27 -35.54
C VAL A 261 41.22 24.05 -35.58
N SER A 262 42.30 23.39 -35.17
CA SER A 262 43.62 24.01 -35.16
C SER A 262 44.64 22.96 -35.56
N TRP A 263 45.88 23.40 -35.78
CA TRP A 263 46.96 22.56 -36.25
C TRP A 263 48.14 22.60 -35.30
N LEU A 264 48.92 21.52 -35.32
CA LEU A 264 50.03 21.33 -34.39
C LEU A 264 51.27 20.83 -35.13
N LYS A 265 52.41 21.40 -34.79
CA LYS A 265 53.70 21.02 -35.37
C LYS A 265 54.59 20.56 -34.22
N ASP A 266 54.64 19.24 -34.01
CA ASP A 266 55.38 18.62 -32.91
C ASP A 266 54.84 19.08 -31.57
N GLY A 267 53.53 19.29 -31.51
CA GLY A 267 52.87 19.69 -30.30
C GLY A 267 52.75 21.19 -30.10
N THR A 268 53.04 22.00 -31.11
CA THR A 268 52.96 23.45 -31.00
C THR A 268 51.84 23.96 -31.89
N SER A 269 50.92 24.72 -31.30
CA SER A 269 49.79 25.26 -32.05
C SER A 269 50.25 26.41 -32.95
N LEU A 270 50.15 26.21 -34.26
CA LEU A 270 50.47 27.27 -35.22
C LEU A 270 49.34 28.28 -35.24
N LYS A 271 49.66 29.55 -34.99
CA LYS A 271 48.61 30.52 -34.79
C LYS A 271 47.92 30.87 -36.11
N LYS A 272 46.65 31.25 -36.00
CA LYS A 272 45.80 31.59 -37.14
C LYS A 272 45.70 30.40 -38.11
N GLN A 273 45.18 29.30 -37.58
CA GLN A 273 44.90 28.09 -38.35
C GLN A 273 43.52 27.57 -37.93
N ASN A 274 42.50 28.39 -38.16
CA ASN A 274 41.14 28.07 -37.75
C ASN A 274 40.37 27.30 -38.82
N THR A 275 41.05 26.77 -39.83
CA THR A 275 40.41 26.02 -40.90
C THR A 275 40.98 24.62 -40.99
N PHE A 276 40.34 23.80 -41.83
CA PHE A 276 40.71 22.41 -42.00
C PHE A 276 41.78 22.21 -43.06
N THR A 277 42.40 23.28 -43.52
CA THR A 277 43.46 23.20 -44.52
C THR A 277 44.69 23.92 -43.98
N LEU A 278 45.84 23.32 -44.19
CA LEU A 278 47.14 23.86 -43.77
C LEU A 278 48.00 24.01 -45.01
N ASN A 279 48.22 25.26 -45.42
CA ASN A 279 49.03 25.57 -46.59
C ASN A 279 50.35 26.17 -46.14
N LEU A 280 51.45 25.51 -46.50
CA LEU A 280 52.80 26.02 -46.26
C LEU A 280 53.40 26.39 -47.61
N ARG A 281 53.31 27.69 -47.95
CA ARG A 281 53.64 28.14 -49.30
C ARG A 281 55.15 28.07 -49.58
N GLU A 282 55.96 28.61 -48.67
CA GLU A 282 57.41 28.62 -48.84
C GLU A 282 58.05 27.98 -47.61
N VAL A 283 58.37 26.69 -47.71
CA VAL A 283 58.86 25.94 -46.57
C VAL A 283 60.36 26.17 -46.41
N THR A 284 60.91 25.72 -45.29
CA THR A 284 62.32 25.87 -44.99
C THR A 284 62.86 24.52 -44.53
N LYS A 285 64.04 24.55 -43.90
CA LYS A 285 64.60 23.34 -43.33
C LYS A 285 64.28 23.20 -41.85
N ASP A 286 64.16 24.32 -41.13
CA ASP A 286 63.88 24.29 -39.70
C ASP A 286 62.51 23.69 -39.40
N GLN A 287 61.62 23.65 -40.38
CA GLN A 287 60.30 23.04 -40.19
C GLN A 287 60.44 21.52 -40.13
N SER A 288 59.83 20.83 -41.10
CA SER A 288 59.95 19.39 -41.24
C SER A 288 59.77 18.63 -39.94
N GLY A 289 58.53 18.49 -39.48
CA GLY A 289 58.28 17.73 -38.26
C GLY A 289 57.12 16.77 -38.34
N LYS A 290 56.40 16.61 -37.24
CA LYS A 290 55.20 15.78 -37.18
C LYS A 290 53.99 16.69 -37.04
N TYR A 291 53.11 16.67 -38.04
CA TYR A 291 51.95 17.54 -38.08
C TYR A 291 50.69 16.75 -37.71
N CYS A 292 49.70 17.45 -37.17
CA CYS A 292 48.41 16.89 -36.80
C CYS A 292 47.45 18.04 -36.55
N CYS A 293 46.16 17.80 -36.78
CA CYS A 293 45.13 18.78 -36.48
C CYS A 293 44.36 18.39 -35.22
N GLN A 294 43.80 19.39 -34.56
CA GLN A 294 42.96 19.19 -33.39
C GLN A 294 41.60 19.78 -33.68
N VAL A 295 40.58 18.94 -33.66
CA VAL A 295 39.20 19.36 -33.80
C VAL A 295 38.47 19.00 -32.53
N SER A 296 37.71 19.95 -31.97
CA SER A 296 36.99 19.71 -30.74
C SER A 296 35.49 19.86 -30.97
N ASN A 297 34.73 19.36 -30.01
CA ASN A 297 33.28 19.55 -29.96
C ASN A 297 32.89 19.66 -28.49
N ASP A 298 31.58 19.56 -28.21
CA ASP A 298 31.11 19.61 -26.83
C ASP A 298 31.81 18.56 -25.97
N VAL A 299 32.14 17.40 -26.55
CA VAL A 299 32.74 16.32 -25.78
C VAL A 299 34.16 16.66 -25.37
N GLY A 300 34.93 17.23 -26.28
CA GLY A 300 36.30 17.60 -25.99
C GLY A 300 37.16 17.66 -27.23
N PRO A 301 38.46 17.78 -27.01
CA PRO A 301 39.41 17.89 -28.13
C PRO A 301 39.79 16.52 -28.68
N GLY A 302 39.70 16.36 -29.99
CA GLY A 302 40.15 15.16 -30.66
C GLY A 302 41.30 15.47 -31.60
N ARG A 303 42.27 14.56 -31.64
CA ARG A 303 43.49 14.75 -32.41
C ARG A 303 43.59 13.69 -33.51
N SER A 304 44.16 14.11 -34.65
CA SER A 304 44.33 13.24 -35.81
C SER A 304 45.67 12.50 -35.71
N GLU A 305 46.06 11.84 -36.80
CA GLU A 305 47.34 11.15 -36.87
C GLU A 305 48.47 12.15 -37.13
N GLU A 306 49.69 11.65 -37.15
CA GLU A 306 50.88 12.47 -37.40
C GLU A 306 51.52 12.10 -38.73
N VAL A 307 51.93 13.14 -39.47
CA VAL A 307 52.63 12.99 -40.75
C VAL A 307 54.00 13.63 -40.64
N PHE A 308 55.02 12.91 -41.07
CA PHE A 308 56.40 13.36 -40.97
C PHE A 308 56.73 14.14 -42.24
N LEU A 309 56.95 15.44 -42.10
CA LEU A 309 57.28 16.27 -43.25
C LEU A 309 58.67 15.94 -43.78
N GLN A 310 59.70 16.13 -42.93
CA GLN A 310 61.06 15.70 -43.19
C GLN A 310 61.76 16.50 -44.30
N VAL A 311 61.02 17.38 -45.00
CA VAL A 311 61.51 18.15 -46.17
C VAL A 311 62.58 17.41 -46.98
N SER B 6 4.75 3.08 -2.20
CA SER B 6 5.15 3.19 -3.60
C SER B 6 5.20 4.64 -4.04
N LYS B 7 5.31 4.85 -5.35
CA LYS B 7 5.54 6.18 -5.90
C LYS B 7 4.24 6.91 -6.23
N TRP B 8 3.18 6.20 -6.58
CA TRP B 8 1.91 6.82 -6.91
C TRP B 8 0.80 6.05 -6.21
N VAL B 9 0.01 6.75 -5.39
CA VAL B 9 -1.15 6.15 -4.75
C VAL B 9 -2.39 6.92 -5.16
N PHE B 10 -3.54 6.24 -5.10
CA PHE B 10 -4.81 6.80 -5.52
C PHE B 10 -5.92 6.31 -4.61
N GLU B 11 -6.85 7.19 -4.28
CA GLU B 11 -8.07 6.79 -3.58
C GLU B 11 -9.24 7.30 -4.41
N HIS B 12 -10.03 6.39 -4.96
CA HIS B 12 -11.24 6.75 -5.70
C HIS B 12 -12.11 5.51 -5.80
N PRO B 13 -13.41 5.68 -6.15
CA PRO B 13 -14.34 4.54 -6.02
C PRO B 13 -14.23 3.47 -7.10
N GLU B 14 -13.10 3.42 -7.80
CA GLU B 14 -12.79 2.32 -8.72
C GLU B 14 -13.78 2.27 -9.88
N THR B 15 -15.08 2.21 -9.60
CA THR B 15 -16.06 2.24 -10.67
C THR B 15 -17.22 3.16 -10.29
N LEU B 16 -17.70 3.94 -11.26
CA LEU B 16 -18.76 4.92 -11.04
C LEU B 16 -19.90 4.72 -12.04
N TYR B 17 -21.12 4.97 -11.56
CA TYR B 17 -22.32 4.64 -12.31
C TYR B 17 -23.11 5.91 -12.56
N ALA B 18 -23.74 5.95 -13.74
CA ALA B 18 -24.61 7.04 -14.12
C ALA B 18 -25.43 6.59 -15.32
N TRP B 19 -26.31 7.46 -15.78
CA TRP B 19 -27.14 7.19 -16.95
C TRP B 19 -27.10 8.39 -17.88
N GLU B 20 -27.62 8.19 -19.08
CA GLU B 20 -27.65 9.23 -20.09
C GLU B 20 -28.48 10.41 -19.62
N GLY B 21 -27.93 11.61 -19.75
CA GLY B 21 -28.63 12.82 -19.40
C GLY B 21 -28.34 13.33 -18.00
N ALA B 22 -27.76 12.50 -17.15
CA ALA B 22 -27.41 12.94 -15.82
C ALA B 22 -25.98 13.49 -15.84
N CYS B 23 -25.38 13.67 -14.66
CA CYS B 23 -23.98 14.03 -14.53
C CYS B 23 -23.30 13.04 -13.60
N VAL B 24 -21.97 13.10 -13.59
CA VAL B 24 -21.17 12.23 -12.75
C VAL B 24 -20.09 13.08 -12.08
N TRP B 25 -19.89 12.85 -10.80
CA TRP B 25 -18.88 13.54 -10.01
C TRP B 25 -17.95 12.49 -9.42
N ILE B 26 -16.66 12.60 -9.72
CA ILE B 26 -15.71 11.53 -9.42
C ILE B 26 -14.70 11.97 -8.36
N PRO B 27 -14.95 11.68 -7.08
CA PRO B 27 -13.97 12.01 -6.05
C PRO B 27 -12.66 11.29 -6.30
N CYS B 28 -11.55 12.01 -6.11
CA CYS B 28 -10.25 11.44 -6.40
C CYS B 28 -9.17 12.21 -5.67
N THR B 29 -8.31 11.48 -4.94
CA THR B 29 -7.10 12.06 -4.39
C THR B 29 -5.92 11.15 -4.72
N TYR B 30 -4.77 11.77 -5.00
CA TYR B 30 -3.57 11.06 -5.41
C TYR B 30 -2.38 11.59 -4.63
N ARG B 31 -1.20 11.05 -4.93
CA ARG B 31 -0.01 11.38 -4.17
C ARG B 31 1.21 10.94 -4.99
N ALA B 32 1.80 11.88 -5.71
CA ALA B 32 2.98 11.62 -6.53
C ALA B 32 4.23 12.00 -5.73
N LEU B 33 5.02 10.99 -5.34
CA LEU B 33 6.25 11.22 -4.59
C LEU B 33 7.29 12.01 -5.36
N ASP B 34 7.20 12.05 -6.69
CA ASP B 34 8.08 12.85 -7.54
C ASP B 34 7.64 14.34 -7.58
N GLY B 35 7.05 14.88 -6.52
CA GLY B 35 6.70 16.31 -6.55
C GLY B 35 5.39 16.63 -7.25
N ASP B 36 5.21 17.92 -7.55
CA ASP B 36 3.99 18.38 -8.21
C ASP B 36 3.90 17.86 -9.64
N LEU B 37 2.73 18.07 -10.25
CA LEU B 37 2.45 17.64 -11.61
C LEU B 37 3.02 18.63 -12.62
N GLU B 38 3.00 18.23 -13.89
CA GLU B 38 3.37 19.11 -14.99
C GLU B 38 2.26 19.10 -16.04
N SER B 39 1.56 17.98 -16.17
CA SER B 39 0.49 17.87 -17.16
C SER B 39 -0.47 16.77 -16.74
N PHE B 40 -1.71 16.91 -17.19
CA PHE B 40 -2.78 15.96 -16.90
C PHE B 40 -3.68 15.87 -18.12
N ILE B 41 -3.81 14.67 -18.67
CA ILE B 41 -4.68 14.42 -19.81
C ILE B 41 -5.70 13.38 -19.41
N LEU B 42 -6.97 13.66 -19.70
CA LEU B 42 -8.04 12.71 -19.44
C LEU B 42 -8.36 11.99 -20.75
N PHE B 43 -8.20 10.68 -20.74
CA PHE B 43 -8.48 9.83 -21.89
C PHE B 43 -9.78 9.09 -21.70
N HIS B 44 -10.43 8.76 -22.81
CA HIS B 44 -11.58 7.87 -22.79
C HIS B 44 -11.21 6.63 -23.59
N ASN B 45 -11.18 5.48 -22.92
CA ASN B 45 -10.73 4.23 -23.50
C ASN B 45 -9.37 4.38 -24.16
N PRO B 46 -8.34 4.73 -23.40
CA PRO B 46 -7.00 4.91 -24.00
C PRO B 46 -6.41 3.55 -24.39
N GLU B 47 -6.12 3.40 -25.66
CA GLU B 47 -5.43 2.22 -26.15
C GLU B 47 -3.94 2.49 -26.18
N TYR B 48 -3.16 1.57 -25.63
CA TYR B 48 -1.71 1.69 -25.57
C TYR B 48 -1.11 1.08 -26.83
N ASN B 49 -0.50 1.91 -27.66
CA ASN B 49 0.11 1.45 -28.90
C ASN B 49 1.43 0.77 -28.61
N LYS B 50 1.46 -0.56 -28.72
CA LYS B 50 2.64 -1.31 -28.30
C LYS B 50 3.87 -0.99 -29.16
N ALA B 51 3.65 -0.34 -30.32
CA ALA B 51 4.74 0.01 -31.21
C ALA B 51 5.42 1.31 -30.78
N THR B 52 4.64 2.39 -30.71
CA THR B 52 5.16 3.68 -30.27
C THR B 52 5.34 3.78 -28.76
N SER B 53 4.89 2.76 -28.01
CA SER B 53 4.93 2.75 -26.54
C SER B 53 4.33 4.03 -25.95
N LYS B 54 3.21 4.47 -26.52
CA LYS B 54 2.46 5.62 -26.03
C LYS B 54 0.99 5.27 -25.97
N PHE B 55 0.20 6.19 -25.45
CA PHE B 55 -1.23 5.99 -25.27
C PHE B 55 -2.01 6.82 -26.27
N ASP B 56 -2.94 6.17 -26.97
CA ASP B 56 -3.79 6.84 -27.93
C ASP B 56 -5.22 6.90 -27.40
N GLY B 57 -6.08 7.60 -28.13
CA GLY B 57 -7.48 7.67 -27.80
C GLY B 57 -7.96 9.10 -27.64
N THR B 58 -9.28 9.23 -27.70
CA THR B 58 -9.91 10.53 -27.53
C THR B 58 -9.52 11.16 -26.19
N ARG B 59 -9.13 12.43 -26.24
CA ARG B 59 -8.73 13.18 -25.05
C ARG B 59 -9.91 14.07 -24.62
N LEU B 60 -10.44 13.81 -23.43
CA LEU B 60 -11.57 14.60 -22.98
C LEU B 60 -11.13 15.90 -22.32
N TYR B 61 -9.92 15.93 -21.76
CA TYR B 61 -9.43 17.11 -21.08
C TYR B 61 -7.92 17.10 -21.12
N GLU B 62 -7.33 18.28 -21.32
CA GLU B 62 -5.89 18.44 -21.27
C GLU B 62 -5.55 19.66 -20.46
N SER B 63 -4.63 19.51 -19.52
CA SER B 63 -4.30 20.62 -18.62
C SER B 63 -3.57 21.74 -19.35
N THR B 64 -2.81 21.40 -20.36
CA THR B 64 -2.03 22.39 -21.09
C THR B 64 -2.78 23.00 -22.27
N LYS B 65 -3.97 22.49 -22.58
CA LYS B 65 -4.79 23.03 -23.66
C LYS B 65 -6.12 23.57 -23.16
N ASP B 66 -6.24 23.80 -21.85
CA ASP B 66 -7.48 24.31 -21.28
C ASP B 66 -7.10 25.11 -20.03
N GLY B 67 -7.54 26.35 -19.96
CA GLY B 67 -7.23 27.17 -18.80
C GLY B 67 -8.13 28.38 -18.62
N LYS B 68 -8.88 28.40 -17.52
CA LYS B 68 -9.63 29.56 -17.04
C LYS B 68 -10.67 30.07 -18.03
N VAL B 69 -11.28 31.22 -17.70
CA VAL B 69 -12.25 31.96 -18.49
C VAL B 69 -13.53 31.14 -18.66
N PRO B 70 -13.90 30.56 -19.86
CA PRO B 70 -15.31 30.18 -20.02
C PRO B 70 -15.63 28.84 -19.35
N SER B 71 -15.42 28.77 -18.04
CA SER B 71 -15.67 27.56 -17.29
C SER B 71 -17.19 27.36 -17.12
N GLU B 72 -17.55 26.26 -16.47
CA GLU B 72 -18.94 25.86 -16.20
C GLU B 72 -19.70 25.53 -17.48
N GLN B 73 -19.25 26.08 -18.61
CA GLN B 73 -19.81 25.69 -19.91
C GLN B 73 -19.18 24.41 -20.42
N LYS B 74 -17.89 24.18 -20.14
CA LYS B 74 -17.24 22.96 -20.55
C LYS B 74 -17.91 21.75 -19.90
N ARG B 75 -18.24 20.75 -20.72
CA ARG B 75 -18.91 19.56 -20.23
C ARG B 75 -18.02 18.75 -19.30
N VAL B 76 -16.73 18.63 -19.64
CA VAL B 76 -15.78 17.88 -18.83
C VAL B 76 -14.88 18.88 -18.13
N GLN B 77 -14.90 18.86 -16.80
CA GLN B 77 -14.16 19.82 -15.99
C GLN B 77 -13.26 19.09 -15.02
N PHE B 78 -12.07 19.64 -14.79
CA PHE B 78 -11.10 19.08 -13.87
C PHE B 78 -11.02 19.97 -12.63
N LEU B 79 -11.47 19.46 -11.49
CA LEU B 79 -11.59 20.25 -10.29
C LEU B 79 -10.44 20.05 -9.32
N GLY B 80 -9.36 19.41 -9.75
CA GLY B 80 -8.26 19.08 -8.87
C GLY B 80 -7.10 20.05 -9.01
N ASP B 81 -6.16 19.93 -8.07
CA ASP B 81 -4.94 20.73 -8.11
C ASP B 81 -3.79 19.91 -8.67
N LYS B 82 -2.58 20.15 -8.17
CA LYS B 82 -1.36 19.59 -8.72
C LYS B 82 -0.53 18.92 -7.65
N ASN B 83 -1.19 18.27 -6.69
CA ASN B 83 -0.47 17.55 -5.65
C ASN B 83 -1.37 16.56 -4.90
N LYS B 84 -2.66 16.83 -4.85
CA LYS B 84 -3.56 16.04 -4.00
C LYS B 84 -4.80 15.61 -4.78
N ASN B 85 -5.45 16.56 -5.42
CA ASN B 85 -6.82 16.44 -5.87
C ASN B 85 -6.84 16.12 -7.37
N CYS B 86 -7.57 15.07 -7.74
CA CYS B 86 -7.76 14.66 -9.13
C CYS B 86 -9.24 14.49 -9.45
N THR B 87 -10.10 15.21 -8.74
CA THR B 87 -11.54 15.08 -8.93
C THR B 87 -11.97 15.48 -10.33
N LEU B 88 -12.91 14.73 -10.90
CA LEU B 88 -13.42 14.96 -12.25
C LEU B 88 -14.93 15.16 -12.22
N SER B 89 -15.43 15.98 -13.15
CA SER B 89 -16.86 16.26 -13.24
C SER B 89 -17.28 16.34 -14.69
N ILE B 90 -18.33 15.59 -15.05
CA ILE B 90 -18.86 15.56 -16.41
C ILE B 90 -20.35 15.86 -16.33
N HIS B 91 -20.71 17.10 -16.62
CA HIS B 91 -22.10 17.56 -16.54
C HIS B 91 -22.44 18.19 -17.88
N PRO B 92 -23.28 17.56 -18.70
CA PRO B 92 -23.90 16.27 -18.39
C PRO B 92 -23.03 15.12 -18.88
N VAL B 93 -23.39 13.92 -18.52
CA VAL B 93 -22.66 12.76 -18.97
C VAL B 93 -23.46 12.10 -20.08
N HIS B 94 -22.78 11.43 -20.99
CA HIS B 94 -23.43 10.79 -22.13
C HIS B 94 -23.03 9.33 -22.22
N LEU B 95 -23.86 8.57 -22.94
CA LEU B 95 -23.61 7.15 -23.13
C LEU B 95 -22.28 6.88 -23.80
N ALA B 96 -21.80 7.80 -24.63
CA ALA B 96 -20.48 7.68 -25.26
C ALA B 96 -19.35 7.94 -24.29
N ASP B 97 -19.63 8.27 -23.03
CA ASP B 97 -18.60 8.37 -22.01
C ASP B 97 -18.39 7.08 -21.25
N SER B 98 -19.26 6.09 -21.44
CA SER B 98 -19.17 4.85 -20.69
C SER B 98 -17.92 4.09 -21.10
N GLY B 99 -17.28 3.44 -20.14
CA GLY B 99 -16.05 2.73 -20.41
C GLY B 99 -15.02 2.91 -19.32
N GLN B 100 -13.77 3.08 -19.74
CA GLN B 100 -12.64 3.22 -18.83
C GLN B 100 -11.98 4.56 -19.06
N LEU B 101 -11.84 5.34 -17.99
CA LEU B 101 -11.22 6.65 -18.04
C LEU B 101 -9.74 6.53 -17.71
N GLY B 102 -8.92 7.23 -18.49
CA GLY B 102 -7.49 7.19 -18.30
C GLY B 102 -6.91 8.50 -17.81
N LEU B 103 -6.51 8.52 -16.53
CA LEU B 103 -5.90 9.69 -15.91
C LEU B 103 -4.40 9.63 -16.16
N ARG B 104 -3.97 10.31 -17.23
CA ARG B 104 -2.58 10.32 -17.66
C ARG B 104 -1.87 11.52 -17.04
N MET B 105 -1.16 11.28 -15.95
CA MET B 105 -0.47 12.32 -15.21
C MET B 105 1.04 12.19 -15.36
N GLU B 106 1.72 13.34 -15.34
CA GLU B 106 3.18 13.41 -15.43
C GLU B 106 3.72 14.41 -14.41
N SER B 107 4.96 14.15 -13.98
CA SER B 107 5.66 15.01 -13.03
C SER B 107 6.95 15.51 -13.66
N LYS B 108 7.90 15.95 -12.82
CA LYS B 108 9.17 16.42 -13.36
C LYS B 108 9.96 15.31 -14.04
N THR B 109 9.87 14.08 -13.53
CA THR B 109 10.65 12.96 -14.09
C THR B 109 9.85 11.70 -14.36
N GLU B 110 8.70 11.50 -13.73
CA GLU B 110 7.99 10.23 -13.83
C GLU B 110 6.71 10.40 -14.65
N LYS B 111 6.18 9.26 -15.12
CA LYS B 111 4.90 9.22 -15.81
C LYS B 111 3.99 8.22 -15.13
N TRP B 112 2.69 8.49 -15.19
CA TRP B 112 1.72 7.59 -14.57
C TRP B 112 0.42 7.60 -15.38
N MET B 113 -0.34 6.52 -15.25
CA MET B 113 -1.67 6.40 -15.82
C MET B 113 -2.54 5.66 -14.81
N GLU B 114 -3.66 6.26 -14.44
CA GLU B 114 -4.57 5.68 -13.47
C GLU B 114 -5.90 5.36 -14.15
N ARG B 115 -6.49 4.22 -13.78
CA ARG B 115 -7.74 3.77 -14.38
C ARG B 115 -8.91 4.12 -13.47
N ILE B 116 -10.03 4.52 -14.09
CA ILE B 116 -11.30 4.71 -13.40
C ILE B 116 -12.41 4.21 -14.32
N HIS B 117 -13.28 3.33 -13.81
CA HIS B 117 -14.40 2.83 -14.58
C HIS B 117 -15.58 3.78 -14.50
N LEU B 118 -16.25 3.95 -15.64
CA LEU B 118 -17.38 4.87 -15.76
C LEU B 118 -18.51 4.14 -16.48
N ALA B 119 -19.46 3.61 -15.74
CA ALA B 119 -20.56 2.83 -16.30
C ALA B 119 -21.74 3.76 -16.48
N VAL B 120 -21.98 4.17 -17.71
CA VAL B 120 -23.12 5.04 -18.03
C VAL B 120 -24.12 4.20 -18.80
N SER B 121 -25.24 3.87 -18.14
CA SER B 121 -26.24 3.07 -18.80
C SER B 121 -27.21 3.97 -19.56
N GLU B 122 -27.91 3.38 -20.53
CA GLU B 122 -28.76 4.20 -21.37
C GLU B 122 -29.95 4.74 -20.57
N ARG B 123 -30.53 3.91 -19.69
CA ARG B 123 -31.68 4.26 -18.88
C ARG B 123 -31.32 4.20 -17.40
N PRO B 124 -32.01 4.95 -16.54
CA PRO B 124 -31.64 4.94 -15.12
C PRO B 124 -31.83 3.57 -14.48
N PHE B 125 -30.76 3.09 -13.84
CA PHE B 125 -30.83 1.81 -13.18
C PHE B 125 -31.59 1.93 -11.85
N PRO B 126 -32.21 0.85 -11.39
CA PRO B 126 -33.06 0.94 -10.20
C PRO B 126 -32.22 0.98 -8.93
N PRO B 127 -32.79 1.48 -7.83
CA PRO B 127 -32.10 1.39 -6.54
C PRO B 127 -32.27 0.00 -5.94
N HIS B 128 -32.15 -0.10 -4.62
CA HIS B 128 -32.26 -1.41 -3.98
C HIS B 128 -32.76 -1.27 -2.55
N ILE B 129 -33.67 -2.18 -2.15
CA ILE B 129 -34.18 -2.27 -0.80
C ILE B 129 -33.61 -3.51 -0.13
N GLN B 130 -33.44 -3.46 1.20
CA GLN B 130 -32.68 -4.48 1.92
C GLN B 130 -33.53 -5.41 2.79
N LEU B 131 -34.44 -4.86 3.62
CA LEU B 131 -35.40 -5.56 4.48
C LEU B 131 -34.74 -6.24 5.67
N PRO B 132 -35.07 -5.85 6.90
CA PRO B 132 -34.69 -6.65 8.06
C PRO B 132 -35.30 -8.04 7.97
N PRO B 133 -34.54 -9.09 8.32
CA PRO B 133 -35.01 -10.46 8.08
C PRO B 133 -36.25 -10.85 8.87
N GLU B 134 -36.64 -10.06 9.86
CA GLU B 134 -37.81 -10.35 10.68
C GLU B 134 -38.53 -9.06 10.98
N ILE B 135 -39.77 -8.96 10.51
CA ILE B 135 -40.65 -7.83 10.82
C ILE B 135 -41.96 -8.40 11.33
N GLN B 136 -42.36 -7.96 12.53
CA GLN B 136 -43.61 -8.38 13.14
C GLN B 136 -44.51 -7.17 13.39
N GLU B 137 -45.79 -7.46 13.65
CA GLU B 137 -46.74 -6.38 13.86
C GLU B 137 -46.40 -5.58 15.11
N SER B 138 -46.70 -4.28 15.05
CA SER B 138 -46.44 -3.33 16.13
C SER B 138 -44.96 -3.29 16.52
N GLN B 139 -44.07 -3.47 15.53
CA GLN B 139 -42.63 -3.40 15.73
C GLN B 139 -42.08 -2.33 14.81
N GLU B 140 -41.55 -1.25 15.38
CA GLU B 140 -41.06 -0.13 14.60
C GLU B 140 -39.76 -0.54 13.91
N VAL B 141 -39.85 -0.77 12.60
CA VAL B 141 -38.70 -1.21 11.83
C VAL B 141 -38.18 -0.04 11.01
N THR B 142 -37.05 -0.25 10.34
CA THR B 142 -36.44 0.73 9.48
C THR B 142 -36.10 0.06 8.16
N LEU B 143 -36.68 0.56 7.08
CA LEU B 143 -36.39 0.08 5.73
C LEU B 143 -35.36 0.99 5.07
N THR B 144 -34.39 0.38 4.40
CA THR B 144 -33.29 1.10 3.79
C THR B 144 -33.34 0.90 2.28
N CYS B 145 -33.42 2.01 1.55
CA CYS B 145 -33.38 2.00 0.10
C CYS B 145 -32.06 2.63 -0.35
N LEU B 146 -31.26 1.86 -1.08
CA LEU B 146 -29.93 2.26 -1.48
C LEU B 146 -29.85 2.45 -2.99
N LEU B 147 -29.19 3.52 -3.41
CA LEU B 147 -28.94 3.78 -4.82
C LEU B 147 -27.49 4.18 -4.99
N ALA B 148 -26.78 3.53 -5.91
CA ALA B 148 -25.35 3.78 -6.09
C ALA B 148 -25.14 4.91 -7.10
N PHE B 149 -25.57 6.11 -6.72
CA PHE B 149 -25.41 7.26 -7.57
C PHE B 149 -25.59 8.52 -6.75
N SER B 150 -24.85 9.57 -7.11
CA SER B 150 -24.99 10.89 -6.48
C SER B 150 -24.13 11.93 -7.19
N CYS B 151 -24.75 12.85 -7.92
CA CYS B 151 -24.04 13.95 -8.55
C CYS B 151 -24.63 15.27 -8.03
N TYR B 152 -23.78 16.29 -7.89
CA TYR B 152 -24.28 17.56 -7.35
C TYR B 152 -25.11 18.31 -8.38
N GLY B 153 -24.74 18.21 -9.65
CA GLY B 153 -25.44 18.92 -10.70
C GLY B 153 -26.65 18.16 -11.22
N TYR B 154 -27.12 17.18 -10.42
CA TYR B 154 -28.31 16.41 -10.74
C TYR B 154 -28.97 15.91 -9.47
N PRO B 155 -29.74 16.75 -8.75
CA PRO B 155 -30.36 16.27 -7.51
C PRO B 155 -31.46 15.25 -7.79
N ILE B 156 -31.60 14.28 -6.90
CA ILE B 156 -32.61 13.25 -7.03
C ILE B 156 -33.42 13.18 -5.74
N GLN B 157 -34.39 12.27 -5.72
CA GLN B 157 -35.20 12.01 -4.54
C GLN B 157 -35.65 10.55 -4.55
N LEU B 158 -35.76 9.98 -3.36
CA LEU B 158 -36.23 8.61 -3.16
C LEU B 158 -37.57 8.65 -2.43
N GLN B 159 -38.64 8.36 -3.15
CA GLN B 159 -40.00 8.38 -2.62
C GLN B 159 -40.45 6.97 -2.25
N TRP B 160 -41.17 6.86 -1.13
CA TRP B 160 -41.69 5.58 -0.67
C TRP B 160 -43.16 5.45 -1.04
N LEU B 161 -43.54 4.24 -1.46
CA LEU B 161 -44.90 3.95 -1.88
C LEU B 161 -45.36 2.68 -1.18
N LEU B 162 -46.57 2.72 -0.63
CA LEU B 162 -47.21 1.55 -0.05
C LEU B 162 -48.44 1.29 -0.91
N GLU B 163 -48.40 0.18 -1.65
CA GLU B 163 -49.47 -0.16 -2.59
C GLU B 163 -49.72 1.00 -3.56
N GLY B 164 -48.64 1.62 -4.02
CA GLY B 164 -48.71 2.67 -5.01
C GLY B 164 -49.14 4.01 -4.47
N VAL B 165 -49.14 4.19 -3.15
CA VAL B 165 -49.59 5.42 -2.52
C VAL B 165 -48.46 5.92 -1.62
N PRO B 166 -48.03 7.17 -1.76
CA PRO B 166 -46.97 7.70 -0.90
C PRO B 166 -47.31 7.55 0.57
N MET B 167 -46.32 7.13 1.36
CA MET B 167 -46.52 6.93 2.78
C MET B 167 -46.40 8.25 3.53
N ARG B 168 -47.22 8.41 4.57
CA ARG B 168 -47.17 9.63 5.38
C ARG B 168 -45.95 9.69 6.27
N GLN B 169 -45.25 8.58 6.48
CA GLN B 169 -44.06 8.59 7.32
C GLN B 169 -42.92 9.30 6.61
N ALA B 170 -42.32 10.27 7.29
CA ALA B 170 -41.18 10.99 6.73
C ALA B 170 -39.94 10.11 6.75
N ALA B 171 -39.10 10.27 5.73
CA ALA B 171 -37.87 9.50 5.59
C ALA B 171 -36.67 10.42 5.73
N VAL B 172 -35.51 9.80 5.97
CA VAL B 172 -34.25 10.53 6.12
C VAL B 172 -33.35 10.15 4.96
N THR B 173 -33.12 11.09 4.05
CA THR B 173 -32.30 10.86 2.87
C THR B 173 -30.91 11.44 3.11
N SER B 174 -29.89 10.59 2.97
CA SER B 174 -28.51 11.01 3.10
C SER B 174 -27.73 10.60 1.87
N THR B 175 -26.83 11.45 1.42
CA THR B 175 -26.02 11.20 0.24
C THR B 175 -24.55 11.13 0.65
N SER B 176 -23.79 10.26 -0.02
CA SER B 176 -22.35 10.15 0.19
C SER B 176 -21.61 10.28 -1.13
N LEU B 177 -20.60 11.14 -1.14
CA LEU B 177 -19.85 11.44 -2.34
C LEU B 177 -18.39 11.63 -1.95
N THR B 178 -17.76 10.56 -1.46
CA THR B 178 -16.38 10.56 -1.03
C THR B 178 -15.54 9.67 -1.94
N ILE B 179 -14.26 9.56 -1.62
CA ILE B 179 -13.36 8.72 -2.43
C ILE B 179 -13.48 7.24 -2.11
N LYS B 180 -14.31 6.85 -1.14
CA LYS B 180 -14.50 5.44 -0.82
C LYS B 180 -15.78 4.88 -1.41
N SER B 181 -16.89 5.60 -1.33
CA SER B 181 -18.15 5.10 -1.85
C SER B 181 -19.04 6.27 -2.25
N VAL B 182 -19.85 6.04 -3.27
CA VAL B 182 -20.80 7.03 -3.78
C VAL B 182 -22.18 6.38 -3.84
N PHE B 183 -23.16 6.97 -3.15
CA PHE B 183 -24.50 6.43 -3.12
C PHE B 183 -25.47 7.50 -2.64
N THR B 184 -26.75 7.12 -2.62
CA THR B 184 -27.82 7.91 -2.00
C THR B 184 -28.66 6.94 -1.19
N ARG B 185 -28.75 7.18 0.12
CA ARG B 185 -29.50 6.29 1.02
C ARG B 185 -30.71 7.03 1.59
N SER B 186 -31.85 6.34 1.62
CA SER B 186 -33.04 6.85 2.28
C SER B 186 -33.57 5.78 3.22
N GLU B 187 -33.79 6.15 4.48
CA GLU B 187 -34.33 5.23 5.48
C GLU B 187 -35.67 5.75 5.99
N LEU B 188 -36.62 4.82 6.11
CA LEU B 188 -37.97 5.14 6.56
C LEU B 188 -38.32 4.25 7.74
N LYS B 189 -38.84 4.85 8.81
CA LYS B 189 -39.32 4.11 9.97
C LYS B 189 -40.83 4.11 9.96
N PHE B 190 -41.42 2.99 10.37
CA PHE B 190 -42.87 2.91 10.50
C PHE B 190 -43.22 1.69 11.33
N SER B 191 -44.37 1.76 12.02
CA SER B 191 -44.88 0.67 12.82
C SER B 191 -45.96 -0.07 12.03
N PRO B 192 -45.65 -1.23 11.45
CA PRO B 192 -46.63 -1.93 10.62
C PRO B 192 -47.68 -2.64 11.45
N GLN B 193 -48.79 -2.96 10.79
CA GLN B 193 -49.84 -3.76 11.36
C GLN B 193 -49.93 -5.09 10.62
N TRP B 194 -50.76 -5.99 11.15
CA TRP B 194 -50.92 -7.30 10.53
C TRP B 194 -51.48 -7.19 9.11
N SER B 195 -52.21 -6.11 8.82
CA SER B 195 -52.79 -5.94 7.48
C SER B 195 -51.74 -5.58 6.45
N HIS B 196 -50.56 -5.14 6.87
CA HIS B 196 -49.46 -4.83 5.97
C HIS B 196 -48.75 -6.07 5.45
N HIS B 197 -48.98 -7.23 6.05
CA HIS B 197 -48.34 -8.46 5.58
C HIS B 197 -48.77 -8.75 4.14
N GLY B 198 -47.78 -8.94 3.28
CA GLY B 198 -48.06 -9.24 1.89
C GLY B 198 -48.18 -8.04 0.98
N LYS B 199 -48.17 -6.83 1.53
CA LYS B 199 -48.31 -5.64 0.71
C LYS B 199 -46.97 -5.25 0.10
N ILE B 200 -47.05 -4.46 -0.97
CA ILE B 200 -45.90 -4.10 -1.79
C ILE B 200 -45.40 -2.72 -1.38
N VAL B 201 -44.13 -2.63 -1.02
CA VAL B 201 -43.47 -1.38 -0.68
C VAL B 201 -42.56 -1.00 -1.83
N THR B 202 -42.74 0.20 -2.37
CA THR B 202 -41.97 0.65 -3.52
C THR B 202 -41.07 1.81 -3.12
N CYS B 203 -39.84 1.79 -3.64
CA CYS B 203 -38.90 2.90 -3.48
C CYS B 203 -38.63 3.48 -4.86
N GLN B 204 -39.30 4.57 -5.19
CA GLN B 204 -39.17 5.21 -6.49
C GLN B 204 -38.02 6.22 -6.50
N LEU B 205 -37.42 6.38 -7.68
CA LEU B 205 -36.34 7.33 -7.89
C LEU B 205 -36.84 8.38 -8.86
N GLN B 206 -36.84 9.62 -8.42
CA GLN B 206 -37.29 10.72 -9.25
C GLN B 206 -36.20 11.76 -9.35
N ASP B 207 -36.26 12.58 -10.41
CA ASP B 207 -35.31 13.66 -10.62
C ASP B 207 -35.69 14.89 -9.79
N ALA B 208 -35.13 16.05 -10.15
CA ALA B 208 -35.40 17.26 -9.36
C ALA B 208 -36.83 17.74 -9.56
N ASP B 209 -37.32 17.65 -10.79
CA ASP B 209 -38.65 18.16 -11.10
C ASP B 209 -39.75 17.17 -10.73
N GLY B 210 -39.40 15.95 -10.35
CA GLY B 210 -40.36 14.94 -9.96
C GLY B 210 -40.66 13.87 -10.99
N LYS B 211 -39.94 13.83 -12.10
CA LYS B 211 -40.17 12.82 -13.12
C LYS B 211 -39.68 11.46 -12.66
N PHE B 212 -40.45 10.42 -12.96
CA PHE B 212 -40.09 9.07 -12.57
C PHE B 212 -38.85 8.60 -13.33
N LEU B 213 -37.97 7.90 -12.63
CA LEU B 213 -36.73 7.39 -13.24
C LEU B 213 -36.61 5.88 -13.12
N SER B 214 -36.67 5.34 -11.92
CA SER B 214 -36.62 3.90 -11.69
C SER B 214 -37.12 3.62 -10.28
N ALA B 215 -37.32 2.34 -9.98
CA ALA B 215 -37.93 1.97 -8.71
C ALA B 215 -37.59 0.52 -8.39
N ASP B 216 -37.96 0.10 -7.19
CA ASP B 216 -37.71 -1.25 -6.70
C ASP B 216 -38.75 -1.61 -5.66
N THR B 217 -39.39 -2.76 -5.82
CA THR B 217 -40.49 -3.17 -4.96
C THR B 217 -40.12 -4.39 -4.13
N VAL B 218 -40.71 -4.45 -2.93
CA VAL B 218 -40.61 -5.61 -2.05
C VAL B 218 -41.98 -5.91 -1.48
N GLN B 219 -42.21 -7.17 -1.15
CA GLN B 219 -43.45 -7.60 -0.51
C GLN B 219 -43.18 -7.84 0.96
N LEU B 220 -43.93 -7.16 1.82
CA LEU B 220 -43.70 -7.27 3.25
C LEU B 220 -44.10 -8.65 3.75
N ASN B 221 -43.34 -9.14 4.72
CA ASN B 221 -43.66 -10.37 5.42
C ASN B 221 -43.79 -10.04 6.91
N VAL B 222 -44.90 -9.39 7.26
CA VAL B 222 -45.16 -8.97 8.62
C VAL B 222 -45.73 -10.16 9.38
N LYS B 223 -44.99 -10.66 10.36
CA LYS B 223 -45.47 -11.73 11.21
C LYS B 223 -46.45 -11.16 12.24
N HIS B 224 -47.39 -12.00 12.66
CA HIS B 224 -48.45 -11.54 13.56
C HIS B 224 -49.15 -12.74 14.18
N THR B 225 -49.75 -12.48 15.33
CA THR B 225 -50.57 -13.49 16.00
C THR B 225 -51.83 -13.78 15.18
N PRO B 226 -52.39 -14.98 15.32
CA PRO B 226 -53.57 -15.32 14.51
C PRO B 226 -54.76 -14.42 14.83
N LYS B 227 -55.34 -13.85 13.78
CA LYS B 227 -56.54 -13.05 13.89
C LYS B 227 -57.74 -13.96 13.65
N LEU B 228 -58.60 -14.09 14.65
CA LEU B 228 -59.63 -15.13 14.67
C LEU B 228 -61.02 -14.53 14.54
N GLU B 229 -61.92 -15.30 13.93
CA GLU B 229 -63.35 -15.00 13.88
C GLU B 229 -64.10 -16.22 14.36
N ILE B 230 -65.08 -16.01 15.24
CA ILE B 230 -65.82 -17.10 15.88
C ILE B 230 -67.27 -17.06 15.42
N LYS B 231 -67.82 -18.22 15.11
CA LYS B 231 -69.23 -18.36 14.75
C LYS B 231 -69.91 -19.34 15.71
N VAL B 232 -71.22 -19.13 15.90
CA VAL B 232 -71.99 -19.91 16.85
C VAL B 232 -73.33 -20.29 16.21
N THR B 233 -73.79 -21.49 16.53
CA THR B 233 -75.09 -21.98 16.05
C THR B 233 -75.87 -22.46 17.27
N PRO B 234 -77.09 -21.94 17.50
CA PRO B 234 -77.78 -20.96 16.66
C PRO B 234 -77.20 -19.55 16.80
N SER B 235 -77.35 -18.74 15.75
CA SER B 235 -76.73 -17.43 15.71
C SER B 235 -77.20 -16.53 16.85
N ASP B 236 -78.46 -16.65 17.28
CA ASP B 236 -78.93 -15.87 18.42
C ASP B 236 -78.26 -16.30 19.73
N ALA B 237 -77.65 -17.49 19.79
CA ALA B 237 -76.95 -17.98 20.97
C ALA B 237 -77.85 -18.04 22.20
N ILE B 238 -79.12 -18.42 21.99
CA ILE B 238 -80.08 -18.57 23.06
C ILE B 238 -80.78 -19.91 22.86
N VAL B 239 -80.72 -20.79 23.86
CA VAL B 239 -81.32 -22.11 23.79
C VAL B 239 -81.61 -22.61 25.20
N ARG B 240 -82.35 -23.71 25.32
CA ARG B 240 -82.69 -24.29 26.61
C ARG B 240 -81.71 -25.41 26.97
N GLU B 241 -81.95 -26.06 28.11
CA GLU B 241 -81.06 -27.11 28.57
C GLU B 241 -81.21 -28.37 27.71
N GLY B 242 -80.17 -29.21 27.75
CA GLY B 242 -80.16 -30.47 27.03
C GLY B 242 -79.92 -30.35 25.54
N ASP B 243 -80.05 -29.16 24.96
CA ASP B 243 -79.90 -29.00 23.53
C ASP B 243 -78.42 -29.01 23.16
N SER B 244 -78.13 -28.77 21.88
CA SER B 244 -76.79 -28.84 21.35
C SER B 244 -76.35 -27.46 20.87
N VAL B 245 -75.09 -27.11 21.16
CA VAL B 245 -74.48 -25.88 20.69
C VAL B 245 -73.17 -26.20 20.00
N THR B 246 -72.90 -25.52 18.89
CA THR B 246 -71.68 -25.74 18.11
C THR B 246 -71.04 -24.40 17.78
N MET B 247 -69.82 -24.19 18.28
CA MET B 247 -69.04 -22.99 18.00
C MET B 247 -67.84 -23.35 17.13
N THR B 248 -67.59 -22.53 16.11
CA THR B 248 -66.46 -22.72 15.23
C THR B 248 -65.47 -21.58 15.38
N CYS B 249 -64.21 -21.88 15.09
CA CYS B 249 -63.10 -20.94 15.23
C CYS B 249 -62.34 -20.92 13.92
N GLU B 250 -62.32 -19.77 13.26
CA GLU B 250 -61.71 -19.63 11.95
C GLU B 250 -60.52 -18.69 12.04
N VAL B 251 -59.38 -19.13 11.50
CA VAL B 251 -58.15 -18.34 11.50
C VAL B 251 -58.12 -17.54 10.21
N SER B 252 -58.55 -16.28 10.30
CA SER B 252 -58.62 -15.44 9.12
C SER B 252 -57.24 -15.03 8.61
N SER B 253 -56.29 -14.84 9.53
CA SER B 253 -54.94 -14.46 9.15
C SER B 253 -53.97 -14.91 10.24
N SER B 254 -52.80 -15.41 9.81
CA SER B 254 -51.76 -15.77 10.75
C SER B 254 -50.43 -15.85 10.01
N ASN B 255 -49.38 -15.32 10.64
CA ASN B 255 -48.03 -15.42 10.09
C ASN B 255 -47.02 -15.56 11.21
N PRO B 256 -46.35 -16.73 11.35
CA PRO B 256 -46.52 -17.92 10.51
C PRO B 256 -47.83 -18.69 10.78
N GLU B 257 -47.91 -19.90 10.24
CA GLU B 257 -49.10 -20.72 10.40
C GLU B 257 -49.25 -21.15 11.86
N TYR B 258 -50.50 -21.40 12.25
CA TYR B 258 -50.81 -21.72 13.63
C TYR B 258 -50.26 -23.08 14.03
N THR B 259 -50.21 -23.32 15.34
CA THR B 259 -49.66 -24.57 15.88
C THR B 259 -50.61 -25.22 16.88
N THR B 260 -51.39 -24.43 17.61
CA THR B 260 -52.25 -24.96 18.66
C THR B 260 -53.51 -24.11 18.77
N VAL B 261 -54.58 -24.73 19.24
CA VAL B 261 -55.88 -24.08 19.39
C VAL B 261 -56.51 -24.55 20.70
N SER B 262 -57.09 -23.61 21.43
CA SER B 262 -57.74 -23.93 22.69
C SER B 262 -58.95 -23.04 22.85
N TRP B 263 -59.82 -23.41 23.79
CA TRP B 263 -61.06 -22.70 24.07
C TRP B 263 -61.06 -22.25 25.52
N LEU B 264 -61.72 -21.13 25.77
CA LEU B 264 -61.76 -20.54 27.11
C LEU B 264 -63.19 -20.17 27.46
N LYS B 265 -63.62 -20.56 28.65
CA LYS B 265 -64.95 -20.21 29.15
C LYS B 265 -64.75 -19.28 30.34
N ASP B 266 -64.86 -17.98 30.09
CA ASP B 266 -64.60 -16.96 31.11
C ASP B 266 -63.21 -17.12 31.70
N GLY B 267 -62.22 -17.26 30.82
CA GLY B 267 -60.85 -17.45 31.22
C GLY B 267 -60.48 -18.86 31.60
N THR B 268 -61.44 -19.76 31.75
CA THR B 268 -61.18 -21.14 32.12
C THR B 268 -61.01 -21.99 30.87
N SER B 269 -59.85 -22.61 30.73
CA SER B 269 -59.58 -23.47 29.58
C SER B 269 -60.36 -24.78 29.74
N LEU B 270 -61.24 -25.05 28.79
CA LEU B 270 -62.00 -26.30 28.82
C LEU B 270 -61.09 -27.45 28.42
N LYS B 271 -61.08 -28.50 29.24
CA LYS B 271 -60.20 -29.63 28.99
C LYS B 271 -60.66 -30.40 27.75
N LYS B 272 -59.71 -31.06 27.10
CA LYS B 272 -59.98 -31.89 25.92
C LYS B 272 -60.64 -31.09 24.81
N GLN B 273 -60.16 -29.86 24.61
CA GLN B 273 -60.70 -28.97 23.58
C GLN B 273 -59.53 -28.41 22.76
N ASN B 274 -58.94 -29.29 21.95
CA ASN B 274 -57.83 -28.93 21.07
C ASN B 274 -58.25 -28.84 19.61
N THR B 275 -59.55 -28.68 19.36
CA THR B 275 -60.08 -28.58 18.01
C THR B 275 -60.62 -27.18 17.76
N PHE B 276 -60.86 -26.89 16.49
CA PHE B 276 -61.47 -25.61 16.14
C PHE B 276 -62.98 -25.59 16.33
N THR B 277 -63.59 -26.74 16.64
CA THR B 277 -65.02 -26.83 16.87
C THR B 277 -65.27 -27.15 18.34
N LEU B 278 -66.22 -26.44 18.94
CA LEU B 278 -66.63 -26.68 20.32
C LEU B 278 -68.07 -27.17 20.28
N ASN B 279 -68.26 -28.46 20.55
CA ASN B 279 -69.58 -29.06 20.61
C ASN B 279 -69.97 -29.25 22.07
N LEU B 280 -71.10 -28.69 22.46
CA LEU B 280 -71.65 -28.82 23.81
C LEU B 280 -72.86 -29.73 23.73
N ARG B 281 -72.67 -31.00 24.07
CA ARG B 281 -73.72 -32.01 23.99
C ARG B 281 -74.51 -32.01 25.30
N GLU B 282 -75.85 -31.98 25.18
CA GLU B 282 -76.76 -31.99 26.33
C GLU B 282 -76.39 -30.92 27.35
N VAL B 283 -76.59 -29.67 26.92
CA VAL B 283 -76.13 -28.52 27.70
C VAL B 283 -76.90 -28.43 29.01
N THR B 284 -76.24 -27.90 30.02
CA THR B 284 -76.82 -27.59 31.31
C THR B 284 -76.86 -26.08 31.46
N LYS B 285 -77.08 -25.61 32.69
CA LYS B 285 -76.99 -24.18 32.98
C LYS B 285 -75.64 -23.80 33.59
N ASP B 286 -74.87 -24.78 34.06
CA ASP B 286 -73.51 -24.51 34.52
C ASP B 286 -72.59 -24.13 33.36
N GLN B 287 -72.91 -24.60 32.16
CA GLN B 287 -72.12 -24.34 30.97
C GLN B 287 -72.42 -22.99 30.33
N SER B 288 -73.07 -22.08 31.05
CA SER B 288 -73.36 -20.76 30.51
C SER B 288 -72.24 -19.79 30.84
N GLY B 289 -72.09 -18.77 30.00
CA GLY B 289 -71.08 -17.75 30.19
C GLY B 289 -70.61 -17.21 28.85
N LYS B 290 -69.39 -16.69 28.86
CA LYS B 290 -68.76 -16.09 27.69
C LYS B 290 -67.65 -16.98 27.19
N TYR B 291 -67.70 -17.33 25.91
CA TYR B 291 -66.73 -18.23 25.29
C TYR B 291 -65.89 -17.48 24.25
N CYS B 292 -64.68 -17.99 24.03
CA CYS B 292 -63.75 -17.50 23.02
C CYS B 292 -62.64 -18.52 22.82
N CYS B 293 -62.20 -18.68 21.58
CA CYS B 293 -61.12 -19.59 21.24
C CYS B 293 -59.80 -18.84 21.13
N GLN B 294 -58.72 -19.52 21.48
CA GLN B 294 -57.37 -18.99 21.36
C GLN B 294 -56.59 -19.91 20.44
N VAL B 295 -56.08 -19.36 19.36
CA VAL B 295 -55.21 -20.07 18.44
C VAL B 295 -53.85 -19.38 18.47
N SER B 296 -52.78 -20.17 18.53
CA SER B 296 -51.44 -19.63 18.64
C SER B 296 -50.57 -20.10 17.48
N ASN B 297 -49.58 -19.27 17.16
CA ASN B 297 -48.59 -19.59 16.15
C ASN B 297 -47.21 -19.31 16.74
N ASP B 298 -46.22 -19.16 15.86
CA ASP B 298 -44.87 -18.89 16.33
C ASP B 298 -44.78 -17.56 17.06
N VAL B 299 -45.52 -16.54 16.61
CA VAL B 299 -45.43 -15.22 17.23
C VAL B 299 -45.94 -15.28 18.67
N GLY B 300 -47.19 -15.71 18.85
CA GLY B 300 -47.81 -15.76 20.15
C GLY B 300 -49.26 -16.19 20.08
N PRO B 301 -49.98 -16.01 21.20
CA PRO B 301 -51.41 -16.36 21.24
C PRO B 301 -52.33 -15.27 20.72
N GLY B 302 -53.28 -15.69 19.90
CA GLY B 302 -54.31 -14.81 19.39
C GLY B 302 -55.67 -15.26 19.89
N ARG B 303 -56.50 -14.29 20.26
CA ARG B 303 -57.80 -14.56 20.84
C ARG B 303 -58.89 -13.93 19.98
N SER B 304 -60.05 -14.59 19.93
CA SER B 304 -61.20 -14.10 19.20
C SER B 304 -62.13 -13.32 20.13
N GLU B 305 -63.24 -12.85 19.59
CA GLU B 305 -64.23 -12.13 20.37
C GLU B 305 -64.94 -13.08 21.33
N GLU B 306 -65.78 -12.51 22.19
CA GLU B 306 -66.52 -13.28 23.17
C GLU B 306 -67.94 -13.53 22.68
N VAL B 307 -68.44 -14.73 22.95
CA VAL B 307 -69.79 -15.14 22.61
C VAL B 307 -70.53 -15.45 23.90
N PHE B 308 -71.63 -14.74 24.14
CA PHE B 308 -72.44 -14.92 25.34
C PHE B 308 -73.49 -16.00 25.09
N LEU B 309 -73.48 -17.04 25.92
CA LEU B 309 -74.36 -18.19 25.80
C LEU B 309 -75.39 -18.14 26.92
N GLN B 310 -76.65 -17.91 26.55
CA GLN B 310 -77.76 -17.86 27.49
C GLN B 310 -78.49 -19.20 27.48
N VAL B 311 -78.62 -19.81 28.66
CA VAL B 311 -79.34 -21.08 28.81
C VAL B 311 -80.84 -20.84 28.95
N TRP C 8 12.12 -10.08 3.09
CA TRP C 8 11.54 -9.92 4.42
C TRP C 8 10.84 -8.58 4.59
N VAL C 9 9.53 -8.56 4.37
CA VAL C 9 8.72 -7.34 4.43
C VAL C 9 7.63 -7.52 5.49
N PHE C 10 7.48 -6.52 6.35
CA PHE C 10 6.54 -6.56 7.46
C PHE C 10 5.69 -5.29 7.47
N GLU C 11 4.37 -5.45 7.47
CA GLU C 11 3.43 -4.34 7.44
C GLU C 11 2.77 -4.23 8.81
N HIS C 12 2.91 -3.07 9.44
CA HIS C 12 2.32 -2.82 10.75
C HIS C 12 2.46 -1.33 11.05
N PRO C 13 1.65 -0.80 11.96
CA PRO C 13 1.82 0.60 12.34
C PRO C 13 3.15 0.80 13.04
N GLU C 14 3.66 2.04 12.95
CA GLU C 14 4.98 2.32 13.51
C GLU C 14 4.93 2.43 15.02
N THR C 15 3.85 2.99 15.55
CA THR C 15 3.71 3.17 16.99
C THR C 15 2.28 2.83 17.40
N LEU C 16 2.16 2.14 18.53
CA LEU C 16 0.88 1.75 19.10
C LEU C 16 0.74 2.33 20.50
N TYR C 17 -0.44 2.86 20.78
CA TYR C 17 -0.70 3.58 22.01
C TYR C 17 -1.68 2.81 22.88
N ALA C 18 -1.54 2.99 24.19
CA ALA C 18 -2.38 2.38 25.22
C ALA C 18 -2.01 3.04 26.55
N TRP C 19 -2.76 2.70 27.60
CA TRP C 19 -2.49 3.20 28.94
C TRP C 19 -2.51 2.05 29.93
N GLU C 20 -1.99 2.34 31.13
CA GLU C 20 -1.95 1.35 32.20
C GLU C 20 -3.37 0.86 32.54
N GLY C 21 -3.55 -0.46 32.49
CA GLY C 21 -4.82 -1.09 32.82
C GLY C 21 -5.61 -1.59 31.62
N ALA C 22 -5.31 -1.12 30.42
CA ALA C 22 -6.07 -1.50 29.23
C ALA C 22 -5.37 -2.67 28.53
N CYS C 23 -5.68 -2.89 27.27
CA CYS C 23 -4.95 -3.87 26.47
C CYS C 23 -4.50 -3.23 25.18
N VAL C 24 -3.52 -3.86 24.53
CA VAL C 24 -3.01 -3.39 23.25
C VAL C 24 -3.03 -4.53 22.25
N TRP C 25 -3.66 -4.29 21.11
CA TRP C 25 -3.70 -5.24 20.00
C TRP C 25 -2.73 -4.75 18.92
N ILE C 26 -1.82 -5.63 18.50
CA ILE C 26 -0.74 -5.24 17.60
C ILE C 26 -0.88 -5.93 16.25
N PRO C 27 -1.50 -5.31 15.25
CA PRO C 27 -1.58 -5.95 13.93
C PRO C 27 -0.22 -6.03 13.27
N CYS C 28 0.06 -7.19 12.67
CA CYS C 28 1.36 -7.45 12.06
C CYS C 28 1.21 -8.57 11.06
N THR C 29 1.70 -8.37 9.83
CA THR C 29 1.70 -9.38 8.79
C THR C 29 3.05 -9.37 8.09
N TYR C 30 3.39 -10.49 7.44
CA TYR C 30 4.59 -10.59 6.60
C TYR C 30 4.33 -11.34 5.29
N LEU C 33 9.31 -13.41 2.62
CA LEU C 33 10.24 -14.43 3.09
C LEU C 33 9.94 -15.78 2.46
N ASP C 34 10.99 -16.53 2.12
CA ASP C 34 10.86 -17.83 1.47
C ASP C 34 10.72 -18.97 2.48
N GLY C 35 11.60 -19.02 3.47
CA GLY C 35 11.54 -20.09 4.45
C GLY C 35 10.38 -19.90 5.41
N ASP C 36 9.78 -21.01 5.82
CA ASP C 36 8.67 -20.95 6.76
C ASP C 36 9.17 -20.63 8.16
N LEU C 37 8.40 -19.83 8.90
CA LEU C 37 8.82 -19.26 10.17
C LEU C 37 8.15 -19.98 11.33
N GLU C 38 8.96 -20.47 12.29
CA GLU C 38 8.39 -21.06 13.51
C GLU C 38 9.39 -20.93 14.67
N SER C 39 9.62 -19.70 15.11
CA SER C 39 10.37 -19.40 16.32
C SER C 39 10.25 -17.92 16.65
N PHE C 40 9.44 -17.58 17.65
CA PHE C 40 9.12 -16.19 17.93
C PHE C 40 9.61 -15.82 19.33
N ILE C 41 10.26 -14.65 19.43
CA ILE C 41 10.65 -14.07 20.72
C ILE C 41 10.25 -12.60 20.71
N LEU C 42 9.81 -12.09 21.86
CA LEU C 42 9.41 -10.70 22.00
C LEU C 42 10.24 -10.06 23.10
N PHE C 43 11.02 -9.05 22.74
CA PHE C 43 11.85 -8.31 23.68
C PHE C 43 11.21 -6.97 24.04
N HIS C 44 11.66 -6.40 25.15
CA HIS C 44 11.30 -5.04 25.56
C HIS C 44 12.60 -4.25 25.67
N ASN C 45 12.84 -3.38 24.70
CA ASN C 45 14.07 -2.60 24.60
C ASN C 45 15.27 -3.53 24.66
N PRO C 46 15.47 -4.35 23.63
CA PRO C 46 16.61 -5.28 23.66
C PRO C 46 17.93 -4.56 23.50
N GLU C 47 18.95 -5.06 24.20
CA GLU C 47 20.29 -4.49 24.15
C GLU C 47 21.17 -5.41 23.30
N TYR C 48 21.61 -4.92 22.15
CA TYR C 48 22.43 -5.71 21.25
C TYR C 48 23.85 -5.78 21.79
N ASN C 49 24.35 -7.00 21.98
CA ASN C 49 25.72 -7.23 22.44
C ASN C 49 26.62 -7.35 21.22
N LYS C 50 27.62 -6.46 21.12
CA LYS C 50 28.43 -6.43 19.92
C LYS C 50 29.42 -7.59 19.87
N ALA C 51 29.92 -8.02 21.04
CA ALA C 51 30.89 -9.10 21.10
C ALA C 51 30.28 -10.43 20.67
N THR C 52 29.12 -10.76 21.23
CA THR C 52 28.45 -12.03 20.93
C THR C 52 27.57 -11.97 19.69
N SER C 53 27.30 -10.77 19.16
CA SER C 53 26.38 -10.55 18.03
C SER C 53 25.00 -11.15 18.29
N LYS C 54 24.55 -11.10 19.54
CA LYS C 54 23.23 -11.58 19.93
C LYS C 54 22.46 -10.45 20.62
N PHE C 55 21.16 -10.63 20.78
CA PHE C 55 20.32 -9.64 21.44
C PHE C 55 20.04 -10.07 22.88
N ASP C 56 20.24 -9.14 23.81
CA ASP C 56 19.96 -9.36 25.22
C ASP C 56 18.72 -8.57 25.62
N GLY C 57 18.39 -8.63 26.90
CA GLY C 57 17.30 -7.83 27.44
C GLY C 57 16.15 -8.69 27.92
N THR C 58 15.25 -8.03 28.64
CA THR C 58 14.06 -8.68 29.15
C THR C 58 13.23 -9.25 28.01
N ARG C 59 12.72 -10.45 28.21
CA ARG C 59 11.86 -11.12 27.23
C ARG C 59 10.44 -11.17 27.78
N LEU C 60 9.47 -10.73 26.98
CA LEU C 60 8.07 -10.79 27.38
C LEU C 60 7.37 -12.05 26.90
N TYR C 61 7.92 -12.72 25.89
CA TYR C 61 7.34 -13.94 25.36
C TYR C 61 8.42 -14.69 24.60
N GLU C 62 8.42 -16.02 24.74
CA GLU C 62 9.30 -16.89 23.98
C GLU C 62 8.49 -18.03 23.41
N SER C 63 8.70 -18.35 22.13
CA SER C 63 8.03 -19.50 21.56
C SER C 63 8.49 -20.80 22.21
N THR C 64 9.76 -20.85 22.63
CA THR C 64 10.30 -22.04 23.23
C THR C 64 9.88 -22.23 24.70
N LYS C 65 9.16 -21.27 25.27
CA LYS C 65 8.77 -21.38 26.68
C LYS C 65 7.29 -21.05 26.88
N ASP C 66 6.89 -19.85 26.50
CA ASP C 66 5.52 -19.41 26.72
C ASP C 66 4.57 -19.93 25.64
N GLY C 67 5.08 -20.54 24.58
CA GLY C 67 4.27 -20.98 23.46
C GLY C 67 3.24 -22.04 23.84
N SER C 71 -0.91 -19.94 24.76
CA SER C 71 -1.59 -19.78 26.03
C SER C 71 -2.81 -18.87 25.88
N GLU C 72 -3.90 -19.23 26.54
CA GLU C 72 -5.15 -18.48 26.44
C GLU C 72 -5.32 -17.45 27.54
N GLN C 73 -4.51 -17.51 28.60
CA GLN C 73 -4.68 -16.66 29.76
C GLN C 73 -3.44 -15.84 30.12
N LYS C 74 -2.30 -16.11 29.51
CA LYS C 74 -1.09 -15.34 29.82
C LYS C 74 -1.22 -13.91 29.34
N ARG C 75 -0.53 -13.01 30.03
CA ARG C 75 -0.68 -11.58 29.78
C ARG C 75 -0.23 -11.21 28.37
N VAL C 76 0.84 -11.82 27.90
CA VAL C 76 1.39 -11.59 26.56
C VAL C 76 1.15 -12.83 25.74
N GLN C 77 0.38 -12.70 24.67
CA GLN C 77 0.04 -13.81 23.77
C GLN C 77 0.49 -13.49 22.36
N PHE C 78 1.03 -14.51 21.68
CA PHE C 78 1.44 -14.41 20.28
C PHE C 78 0.39 -15.13 19.44
N LEU C 79 -0.38 -14.38 18.66
CA LEU C 79 -1.47 -14.95 17.87
C LEU C 79 -1.09 -15.11 16.40
N GLY C 80 0.11 -15.63 16.14
CA GLY C 80 0.55 -15.80 14.78
C GLY C 80 0.94 -17.22 14.41
N ASP C 81 0.49 -18.20 15.20
CA ASP C 81 0.77 -19.58 14.84
C ASP C 81 -0.26 -20.12 13.85
N LYS C 82 -1.51 -19.75 14.03
CA LYS C 82 -2.58 -20.14 13.11
C LYS C 82 -2.85 -18.98 12.17
N ASN C 83 -2.94 -19.28 10.87
CA ASN C 83 -3.03 -18.30 9.78
C ASN C 83 -1.80 -17.42 9.67
N LYS C 84 -0.69 -17.80 10.32
CA LYS C 84 0.62 -17.13 10.26
C LYS C 84 0.48 -15.69 10.72
N ASN C 85 1.16 -14.74 10.06
CA ASN C 85 1.30 -13.34 10.45
C ASN C 85 1.94 -13.22 11.84
N CYS C 86 2.17 -11.99 12.31
CA CYS C 86 2.94 -11.77 13.53
C CYS C 86 2.17 -10.92 14.54
N THR C 87 0.85 -11.04 14.55
CA THR C 87 0.02 -10.23 15.45
C THR C 87 0.35 -10.54 16.91
N LEU C 88 0.33 -9.51 17.75
CA LEU C 88 0.58 -9.64 19.18
C LEU C 88 -0.63 -9.17 19.97
N SER C 89 -0.62 -9.47 21.28
CA SER C 89 -1.70 -9.04 22.16
C SER C 89 -1.18 -9.05 23.59
N ILE C 90 -1.43 -7.96 24.33
CA ILE C 90 -1.00 -7.83 25.72
C ILE C 90 -2.21 -7.43 26.54
N HIS C 91 -2.78 -8.40 27.26
CA HIS C 91 -3.99 -8.17 28.07
C HIS C 91 -3.75 -8.69 29.47
N PRO C 92 -3.65 -7.82 30.48
CA PRO C 92 -3.69 -6.36 30.31
C PRO C 92 -2.31 -5.74 30.10
N VAL C 93 -2.28 -4.58 29.46
CA VAL C 93 -1.01 -3.89 29.25
C VAL C 93 -0.67 -3.05 30.47
N HIS C 94 0.62 -2.96 30.75
CA HIS C 94 1.13 -2.27 31.93
C HIS C 94 2.06 -1.14 31.52
N LEU C 95 2.33 -0.26 32.48
CA LEU C 95 3.23 0.87 32.24
C LEU C 95 4.67 0.41 31.97
N ALA C 96 5.11 -0.69 32.58
CA ALA C 96 6.46 -1.20 32.39
C ALA C 96 6.68 -1.85 31.03
N ASP C 97 5.67 -1.87 30.17
CA ASP C 97 5.85 -2.38 28.82
C ASP C 97 6.16 -1.30 27.81
N SER C 98 6.05 -0.03 28.20
CA SER C 98 6.27 1.06 27.26
C SER C 98 7.73 1.10 26.84
N GLY C 99 7.98 1.18 25.54
CA GLY C 99 9.34 1.20 25.05
C GLY C 99 9.39 0.72 23.61
N GLN C 100 10.58 0.29 23.22
CA GLN C 100 10.84 -0.22 21.87
C GLN C 100 10.83 -1.73 21.96
N LEU C 101 9.77 -2.34 21.45
CA LEU C 101 9.67 -3.79 21.46
C LEU C 101 10.47 -4.37 20.30
N GLY C 102 11.09 -5.52 20.53
CA GLY C 102 11.81 -6.23 19.48
C GLY C 102 11.27 -7.62 19.18
N LEU C 103 10.68 -7.79 18.00
CA LEU C 103 10.11 -9.08 17.59
C LEU C 103 11.22 -9.91 16.96
N ARG C 104 11.69 -10.91 17.70
CA ARG C 104 12.79 -11.76 17.26
C ARG C 104 12.23 -13.02 16.61
N MET C 105 12.48 -13.18 15.32
CA MET C 105 11.92 -14.28 14.55
C MET C 105 13.00 -15.03 13.79
N GLU C 106 12.90 -16.36 13.72
CA GLU C 106 13.84 -17.15 12.93
C GLU C 106 13.05 -18.14 12.07
N SER C 107 13.54 -18.39 10.86
CA SER C 107 12.99 -19.51 10.08
C SER C 107 13.88 -20.73 10.00
N LYS C 108 13.99 -21.18 8.76
CA LYS C 108 14.82 -22.34 8.47
C LYS C 108 16.28 -21.99 8.61
N THR C 109 16.76 -21.06 7.79
CA THR C 109 18.15 -20.64 7.82
C THR C 109 18.33 -19.16 8.09
N GLU C 110 17.28 -18.36 7.97
CA GLU C 110 17.33 -16.92 8.14
C GLU C 110 16.86 -16.52 9.53
N LYS C 111 17.24 -15.31 9.94
CA LYS C 111 16.81 -14.71 11.20
C LYS C 111 16.35 -13.29 10.91
N TRP C 112 15.63 -12.70 11.85
CA TRP C 112 15.04 -11.39 11.64
C TRP C 112 14.66 -10.80 12.98
N MET C 113 14.77 -9.47 13.06
CA MET C 113 14.37 -8.72 14.24
C MET C 113 13.57 -7.51 13.75
N GLU C 114 12.45 -7.24 14.40
CA GLU C 114 11.55 -6.17 13.99
C GLU C 114 11.34 -5.19 15.14
N ARG C 115 11.24 -3.91 14.80
CA ARG C 115 11.03 -2.84 15.78
C ARG C 115 9.56 -2.42 15.76
N ILE C 116 8.95 -2.36 16.94
CA ILE C 116 7.58 -1.86 17.12
C ILE C 116 7.58 -0.97 18.35
N HIS C 117 7.20 0.29 18.19
CA HIS C 117 7.09 1.21 19.32
C HIS C 117 5.77 0.98 20.02
N LEU C 118 5.82 0.91 21.35
CA LEU C 118 4.63 0.77 22.19
C LEU C 118 4.67 1.87 23.24
N ALA C 119 3.85 2.90 23.06
CA ALA C 119 3.79 4.03 23.98
C ALA C 119 2.63 3.79 24.94
N VAL C 120 2.96 3.57 26.21
CA VAL C 120 1.96 3.35 27.26
C VAL C 120 2.10 4.46 28.27
N SER C 121 1.10 5.33 28.33
CA SER C 121 1.07 6.40 29.31
C SER C 121 0.44 5.90 30.61
N GLU C 122 0.63 6.67 31.68
CA GLU C 122 0.10 6.29 32.98
C GLU C 122 -1.41 6.51 33.06
N ARG C 123 -1.91 7.57 32.42
CA ARG C 123 -3.33 7.87 32.41
C ARG C 123 -3.84 7.90 30.98
N PRO C 124 -5.13 7.62 30.76
CA PRO C 124 -5.67 7.63 29.40
C PRO C 124 -5.51 9.02 28.78
N PHE C 125 -4.86 9.06 27.62
CA PHE C 125 -4.66 10.33 26.94
C PHE C 125 -5.96 10.83 26.32
N PRO C 126 -6.11 12.15 26.17
CA PRO C 126 -7.35 12.67 25.59
C PRO C 126 -7.44 12.37 24.12
N PRO C 127 -8.66 12.25 23.57
CA PRO C 127 -8.80 12.17 22.11
C PRO C 127 -8.56 13.52 21.45
N HIS C 128 -9.14 13.70 20.27
CA HIS C 128 -8.99 14.95 19.55
C HIS C 128 -10.22 15.18 18.69
N ILE C 129 -10.79 16.39 18.79
CA ILE C 129 -11.94 16.81 17.98
C ILE C 129 -11.42 17.50 16.72
N GLN C 130 -12.02 17.19 15.58
CA GLN C 130 -11.66 17.79 14.29
C GLN C 130 -12.91 18.41 13.68
N LEU C 131 -12.99 19.79 13.73
CA LEU C 131 -14.05 20.66 13.24
C LEU C 131 -13.70 21.17 11.84
N PRO C 132 -14.71 21.44 11.02
CA PRO C 132 -14.46 22.15 9.77
C PRO C 132 -13.92 23.53 10.07
N PRO C 133 -13.06 24.07 9.19
CA PRO C 133 -12.49 25.40 9.46
C PRO C 133 -13.52 26.51 9.46
N GLU C 134 -14.63 26.34 8.74
CA GLU C 134 -15.70 27.33 8.69
C GLU C 134 -17.02 26.61 8.90
N ILE C 135 -17.71 26.96 9.98
CA ILE C 135 -19.03 26.42 10.29
C ILE C 135 -20.03 27.57 10.28
N GLN C 136 -21.12 27.39 9.55
CA GLN C 136 -22.14 28.42 9.40
C GLN C 136 -23.45 27.94 10.01
N GLU C 137 -24.29 28.90 10.39
CA GLU C 137 -25.57 28.59 11.02
C GLU C 137 -26.52 27.93 10.04
N SER C 138 -27.37 27.06 10.58
CA SER C 138 -28.49 26.43 9.87
C SER C 138 -28.06 25.51 8.73
N GLN C 139 -26.77 25.20 8.62
CA GLN C 139 -26.27 24.26 7.61
C GLN C 139 -25.61 23.07 8.30
N GLU C 140 -25.82 21.89 7.72
CA GLU C 140 -25.33 20.66 8.33
C GLU C 140 -23.81 20.60 8.28
N VAL C 141 -23.21 20.21 9.41
CA VAL C 141 -21.77 19.98 9.51
C VAL C 141 -21.56 18.65 10.21
N THR C 142 -20.30 18.21 10.24
CA THR C 142 -19.94 16.94 10.87
C THR C 142 -18.76 17.17 11.79
N LEU C 143 -18.94 16.85 13.08
CA LEU C 143 -17.88 16.94 14.07
C LEU C 143 -17.24 15.56 14.23
N THR C 144 -15.91 15.52 14.11
CA THR C 144 -15.16 14.27 14.11
C THR C 144 -14.29 14.20 15.36
N CYS C 145 -14.45 13.15 16.15
CA CYS C 145 -13.58 12.89 17.30
C CYS C 145 -12.79 11.62 17.04
N LEU C 146 -11.47 11.74 17.12
CA LEU C 146 -10.56 10.66 16.77
C LEU C 146 -9.72 10.29 17.99
N LEU C 147 -9.54 9.00 18.21
CA LEU C 147 -8.68 8.50 19.30
C LEU C 147 -7.75 7.42 18.75
N ALA C 148 -6.45 7.54 19.04
CA ALA C 148 -5.44 6.68 18.46
C ALA C 148 -5.25 5.40 19.31
N PHE C 149 -6.34 4.66 19.46
CA PHE C 149 -6.36 3.46 20.29
C PHE C 149 -7.57 2.63 19.93
N SER C 150 -7.40 1.30 19.97
CA SER C 150 -8.48 0.35 19.76
C SER C 150 -8.03 -1.06 20.11
N CYS C 151 -8.50 -1.60 21.23
CA CYS C 151 -8.27 -2.99 21.58
C CYS C 151 -9.59 -3.73 21.66
N TYR C 152 -9.50 -5.06 21.54
CA TYR C 152 -10.70 -5.89 21.58
C TYR C 152 -11.13 -6.18 23.02
N GLY C 153 -10.19 -6.41 23.91
CA GLY C 153 -10.45 -6.72 25.30
C GLY C 153 -10.72 -5.53 26.19
N TYR C 154 -10.76 -4.32 25.61
CA TYR C 154 -11.05 -3.10 26.36
C TYR C 154 -11.97 -2.23 25.52
N PRO C 155 -13.26 -2.53 25.48
CA PRO C 155 -14.19 -1.68 24.73
C PRO C 155 -14.31 -0.32 25.38
N ILE C 156 -14.43 0.72 24.53
CA ILE C 156 -14.59 2.11 24.94
C ILE C 156 -15.72 2.73 24.13
N GLN C 157 -16.03 3.99 24.44
CA GLN C 157 -17.08 4.71 23.74
C GLN C 157 -16.78 6.21 23.76
N LEU C 158 -17.31 6.93 22.78
CA LEU C 158 -17.15 8.38 22.68
C LEU C 158 -18.51 9.06 22.84
N GLN C 159 -18.57 10.05 23.73
CA GLN C 159 -19.79 10.77 24.04
C GLN C 159 -19.61 12.25 23.76
N TRP C 160 -20.61 12.85 23.11
CA TRP C 160 -20.61 14.26 22.78
C TRP C 160 -21.41 15.05 23.82
N LEU C 161 -20.91 16.24 24.17
CA LEU C 161 -21.51 17.08 25.19
C LEU C 161 -21.59 18.51 24.70
N LEU C 162 -22.77 19.11 24.78
CA LEU C 162 -22.97 20.52 24.46
C LEU C 162 -23.11 21.27 25.78
N GLU C 163 -22.05 21.97 26.17
CA GLU C 163 -22.01 22.68 27.46
C GLU C 163 -22.21 21.71 28.63
N GLY C 164 -21.56 20.55 28.54
CA GLY C 164 -21.64 19.53 29.58
C GLY C 164 -22.87 18.66 29.53
N VAL C 165 -23.69 18.80 28.50
CA VAL C 165 -24.95 18.08 28.37
C VAL C 165 -24.89 17.27 27.09
N PRO C 166 -25.27 15.98 27.11
CA PRO C 166 -25.30 15.20 25.87
C PRO C 166 -26.24 15.81 24.85
N MET C 167 -25.97 15.52 23.58
CA MET C 167 -26.74 16.04 22.47
C MET C 167 -27.75 15.01 22.00
N ARG C 168 -28.94 15.49 21.60
CA ARG C 168 -29.99 14.60 21.13
C ARG C 168 -29.70 14.01 19.75
N GLN C 169 -28.64 14.47 19.07
CA GLN C 169 -28.28 13.92 17.78
C GLN C 169 -27.54 12.60 17.95
N ALA C 170 -27.76 11.70 16.99
CA ALA C 170 -27.13 10.39 17.02
C ALA C 170 -25.78 10.45 16.34
N ALA C 171 -24.82 9.70 16.89
CA ALA C 171 -23.46 9.64 16.37
C ALA C 171 -23.17 8.24 15.85
N VAL C 172 -22.14 8.16 15.00
CA VAL C 172 -21.70 6.90 14.39
C VAL C 172 -20.25 6.67 14.76
N THR C 173 -20.00 5.70 15.63
CA THR C 173 -18.66 5.36 16.05
C THR C 173 -18.15 4.18 15.22
N SER C 174 -16.94 4.34 14.67
CA SER C 174 -16.28 3.31 13.90
C SER C 174 -14.88 3.10 14.46
N THR C 175 -14.44 1.85 14.48
CA THR C 175 -13.10 1.48 14.91
C THR C 175 -12.38 0.78 13.77
N SER C 176 -11.08 1.02 13.68
CA SER C 176 -10.22 0.38 12.70
C SER C 176 -9.02 -0.25 13.42
N LEU C 177 -8.79 -1.52 13.16
CA LEU C 177 -7.74 -2.28 13.80
C LEU C 177 -6.97 -3.05 12.72
N THR C 178 -6.38 -2.31 11.80
CA THR C 178 -5.69 -2.86 10.64
C THR C 178 -4.19 -2.61 10.76
N ILE C 179 -3.45 -3.08 9.74
CA ILE C 179 -1.99 -2.92 9.73
C ILE C 179 -1.57 -1.50 9.39
N LYS C 180 -2.50 -0.65 8.97
CA LYS C 180 -2.18 0.73 8.60
C LYS C 180 -2.48 1.72 9.72
N SER C 181 -3.56 1.52 10.46
CA SER C 181 -3.91 2.46 11.52
C SER C 181 -4.79 1.76 12.55
N VAL C 182 -4.62 2.16 13.81
CA VAL C 182 -5.45 1.69 14.92
C VAL C 182 -6.07 2.90 15.59
N PHE C 183 -7.40 3.04 15.49
CA PHE C 183 -8.07 4.20 16.05
C PHE C 183 -9.53 3.90 16.33
N THR C 184 -10.17 4.83 17.04
CA THR C 184 -11.62 4.82 17.24
C THR C 184 -12.15 6.21 16.92
N ARG C 185 -13.05 6.28 15.95
CA ARG C 185 -13.60 7.55 15.46
C ARG C 185 -15.08 7.65 15.81
N SER C 186 -15.53 8.88 16.03
CA SER C 186 -16.94 9.18 16.22
C SER C 186 -17.27 10.41 15.39
N GLU C 187 -18.39 10.39 14.69
CA GLU C 187 -18.87 11.53 13.92
C GLU C 187 -20.29 11.87 14.33
N LEU C 188 -20.57 13.17 14.40
CA LEU C 188 -21.89 13.68 14.77
C LEU C 188 -22.29 14.77 13.80
N LYS C 189 -23.41 14.57 13.11
CA LYS C 189 -23.96 15.56 12.19
C LYS C 189 -25.08 16.33 12.87
N PHE C 190 -25.06 17.65 12.73
CA PHE C 190 -26.14 18.50 13.22
C PHE C 190 -26.02 19.85 12.54
N SER C 191 -27.12 20.60 12.56
CA SER C 191 -27.15 21.92 11.97
C SER C 191 -27.05 22.97 13.07
N PRO C 192 -25.88 23.56 13.31
CA PRO C 192 -25.76 24.54 14.40
C PRO C 192 -26.48 25.84 14.07
N GLN C 193 -26.94 26.51 15.13
CA GLN C 193 -27.63 27.78 15.00
C GLN C 193 -26.71 28.92 15.39
N TRP C 194 -27.21 30.14 15.29
CA TRP C 194 -26.41 31.29 15.72
C TRP C 194 -26.14 31.24 17.22
N SER C 195 -27.06 30.64 17.98
CA SER C 195 -26.88 30.55 19.43
C SER C 195 -25.77 29.58 19.81
N HIS C 196 -25.41 28.66 18.92
CA HIS C 196 -24.36 27.68 19.16
C HIS C 196 -22.95 28.26 19.01
N HIS C 197 -22.82 29.52 18.60
CA HIS C 197 -21.50 30.13 18.50
C HIS C 197 -20.91 30.36 19.89
N GLY C 198 -19.64 30.03 20.05
CA GLY C 198 -18.96 30.21 21.30
C GLY C 198 -19.19 29.12 22.32
N LYS C 199 -20.11 28.20 22.08
CA LYS C 199 -20.41 27.12 23.00
C LYS C 199 -19.32 26.04 22.93
N ILE C 200 -19.25 25.24 23.99
CA ILE C 200 -18.18 24.26 24.17
C ILE C 200 -18.73 22.87 23.89
N VAL C 201 -18.23 22.26 22.85
CA VAL C 201 -18.52 20.86 22.54
C VAL C 201 -17.42 20.01 23.13
N THR C 202 -17.80 18.96 23.85
CA THR C 202 -16.86 18.08 24.54
C THR C 202 -17.01 16.67 24.00
N CYS C 203 -15.88 16.07 23.65
CA CYS C 203 -15.82 14.65 23.29
C CYS C 203 -15.19 13.91 24.46
N GLN C 204 -15.97 13.02 25.08
CA GLN C 204 -15.54 12.26 26.25
C GLN C 204 -15.18 10.83 25.89
N LEU C 205 -14.19 10.29 26.59
CA LEU C 205 -13.73 8.92 26.42
C LEU C 205 -14.11 8.13 27.67
N GLN C 206 -14.92 7.10 27.48
CA GLN C 206 -15.43 6.30 28.58
C GLN C 206 -15.12 4.83 28.31
N ASP C 207 -15.25 4.02 29.35
CA ASP C 207 -15.01 2.60 29.25
C ASP C 207 -16.31 1.91 28.80
N ALA C 208 -16.42 0.60 29.02
CA ALA C 208 -17.60 -0.10 28.56
C ALA C 208 -18.85 0.34 29.32
N ASP C 209 -18.70 0.59 30.62
CA ASP C 209 -19.83 0.88 31.49
C ASP C 209 -20.15 2.37 31.59
N GLY C 210 -19.17 3.23 31.34
CA GLY C 210 -19.42 4.66 31.36
C GLY C 210 -18.45 5.41 32.26
N LYS C 211 -17.46 4.70 32.78
CA LYS C 211 -16.45 5.33 33.62
C LYS C 211 -15.61 6.31 32.82
N PHE C 212 -15.49 7.54 33.33
CA PHE C 212 -14.75 8.58 32.62
C PHE C 212 -13.27 8.23 32.51
N LEU C 213 -12.72 8.38 31.31
CA LEU C 213 -11.29 8.14 31.09
C LEU C 213 -10.55 9.41 30.68
N SER C 214 -11.01 10.10 29.64
CA SER C 214 -10.42 11.38 29.25
C SER C 214 -11.42 12.10 28.36
N ALA C 215 -11.08 13.34 28.02
CA ALA C 215 -11.98 14.14 27.20
C ALA C 215 -11.21 15.29 26.59
N ASP C 216 -11.85 15.93 25.61
CA ASP C 216 -11.29 17.10 24.95
C ASP C 216 -12.44 18.01 24.57
N THR C 217 -12.21 19.32 24.71
CA THR C 217 -13.21 20.33 24.46
C THR C 217 -12.73 21.29 23.37
N VAL C 218 -13.69 21.87 22.65
CA VAL C 218 -13.44 22.90 21.65
C VAL C 218 -14.52 23.96 21.72
N GLN C 219 -14.17 25.18 21.32
CA GLN C 219 -15.11 26.31 21.29
C GLN C 219 -15.62 26.50 19.87
N LEU C 220 -16.94 26.37 19.70
CA LEU C 220 -17.55 26.51 18.39
C LEU C 220 -17.36 27.92 17.84
N ASN C 221 -17.16 28.00 16.53
CA ASN C 221 -17.04 29.26 15.82
C ASN C 221 -18.06 29.28 14.69
N VAL C 222 -19.33 29.40 15.05
CA VAL C 222 -20.44 29.34 14.11
C VAL C 222 -20.66 30.73 13.51
N LYS C 223 -20.46 30.85 12.21
CA LYS C 223 -20.74 32.09 11.49
C LYS C 223 -22.23 32.22 11.26
N HIS C 224 -22.74 33.45 11.38
CA HIS C 224 -24.17 33.68 11.28
C HIS C 224 -24.44 35.09 10.83
N THR C 225 -25.60 35.28 10.20
CA THR C 225 -26.04 36.61 9.81
C THR C 225 -26.33 37.45 11.05
N PRO C 226 -26.17 38.77 10.96
CA PRO C 226 -26.35 39.62 12.15
C PRO C 226 -27.77 39.56 12.67
N LYS C 227 -27.90 39.31 13.98
CA LYS C 227 -29.18 39.30 14.67
C LYS C 227 -29.33 40.65 15.38
N LEU C 228 -30.23 41.49 14.90
CA LEU C 228 -30.30 42.88 15.32
C LEU C 228 -31.41 43.11 16.35
N GLU C 229 -31.41 44.32 16.90
CA GLU C 229 -32.45 44.77 17.82
C GLU C 229 -32.64 46.26 17.61
N ILE C 230 -33.87 46.66 17.28
CA ILE C 230 -34.18 48.04 16.90
C ILE C 230 -34.99 48.71 18.01
N LYS C 231 -34.68 49.97 18.27
CA LYS C 231 -35.41 50.80 19.24
C LYS C 231 -35.95 52.04 18.54
N VAL C 232 -36.82 52.77 19.24
CA VAL C 232 -37.47 53.94 18.66
C VAL C 232 -37.76 54.96 19.76
N THR C 233 -37.47 56.23 19.46
CA THR C 233 -37.77 57.36 20.35
C THR C 233 -38.69 58.32 19.61
N PRO C 234 -39.88 58.64 20.14
CA PRO C 234 -40.43 58.19 21.43
C PRO C 234 -40.72 56.69 21.50
N SER C 235 -40.92 56.17 22.72
CA SER C 235 -41.10 54.74 22.91
C SER C 235 -42.33 54.20 22.20
N ASP C 236 -43.41 54.98 22.13
CA ASP C 236 -44.64 54.50 21.49
C ASP C 236 -44.56 54.55 19.97
N ALA C 237 -43.63 55.32 19.41
CA ALA C 237 -43.48 55.44 17.96
C ALA C 237 -44.77 55.92 17.30
N THR C 246 -36.24 59.44 16.12
CA THR C 246 -34.93 58.80 16.10
C THR C 246 -35.02 57.29 16.34
N MET C 247 -34.43 56.51 15.43
CA MET C 247 -34.40 55.05 15.56
C MET C 247 -32.96 54.57 15.47
N THR C 248 -32.55 53.75 16.43
CA THR C 248 -31.21 53.19 16.49
C THR C 248 -31.23 51.72 16.09
N CYS C 249 -30.07 51.24 15.65
CA CYS C 249 -29.90 49.87 15.19
C CYS C 249 -28.69 49.29 15.89
N GLU C 250 -28.93 48.41 16.86
CA GLU C 250 -27.87 47.79 17.64
C GLU C 250 -27.65 46.37 17.16
N VAL C 251 -26.38 46.00 16.97
CA VAL C 251 -26.01 44.67 16.53
C VAL C 251 -25.77 43.82 17.77
N SER C 252 -26.77 43.01 18.12
CA SER C 252 -26.68 42.18 19.32
C SER C 252 -25.84 40.93 19.12
N SER C 253 -25.65 40.48 17.88
CA SER C 253 -24.88 39.28 17.61
C SER C 253 -24.48 39.27 16.14
N SER C 254 -23.18 39.06 15.87
CA SER C 254 -22.72 38.97 14.49
C SER C 254 -21.37 38.26 14.47
N ASN C 255 -21.21 37.35 13.52
CA ASN C 255 -19.97 36.64 13.30
C ASN C 255 -19.80 36.37 11.80
N PRO C 256 -18.85 37.03 11.13
CA PRO C 256 -17.89 37.98 11.70
C PRO C 256 -18.52 39.33 12.00
N GLU C 257 -17.67 40.31 12.31
CA GLU C 257 -18.15 41.65 12.65
C GLU C 257 -18.81 42.31 11.43
N TYR C 258 -19.67 43.27 11.71
CA TYR C 258 -20.47 43.92 10.68
C TYR C 258 -19.58 44.73 9.73
N THR C 259 -20.15 45.06 8.58
CA THR C 259 -19.44 45.82 7.56
C THR C 259 -20.28 47.00 7.07
N THR C 260 -21.52 46.73 6.66
CA THR C 260 -22.41 47.74 6.10
C THR C 260 -23.71 47.81 6.87
N VAL C 261 -24.36 48.96 6.78
CA VAL C 261 -25.64 49.21 7.45
C VAL C 261 -26.47 50.13 6.58
N SER C 262 -27.75 49.82 6.46
CA SER C 262 -28.70 50.66 5.73
C SER C 262 -30.08 50.48 6.38
N TRP C 263 -31.07 51.18 5.83
CA TRP C 263 -32.40 51.23 6.40
C TRP C 263 -33.45 50.88 5.34
N LEU C 264 -34.66 50.56 5.82
CA LEU C 264 -35.78 50.20 4.97
C LEU C 264 -36.98 51.08 5.29
N LYS C 265 -37.87 51.21 4.31
CA LYS C 265 -39.17 51.85 4.52
C LYS C 265 -40.17 51.15 3.59
N ASP C 266 -40.75 50.05 4.09
CA ASP C 266 -41.74 49.28 3.35
C ASP C 266 -41.19 48.73 2.03
N GLY C 267 -39.90 48.40 2.00
CA GLY C 267 -39.29 47.81 0.83
C GLY C 267 -38.46 48.74 -0.05
N THR C 268 -38.23 49.97 0.38
CA THR C 268 -37.46 50.95 -0.37
C THR C 268 -36.28 51.41 0.46
N SER C 269 -35.07 51.09 0.02
CA SER C 269 -33.87 51.49 0.76
C SER C 269 -33.72 53.00 0.75
N LEU C 270 -33.53 53.58 1.94
CA LEU C 270 -33.35 55.02 2.07
C LEU C 270 -31.90 55.38 1.78
N LYS C 271 -31.68 56.22 0.77
CA LYS C 271 -30.33 56.59 0.38
C LYS C 271 -29.74 57.58 1.38
N LYS C 272 -28.39 57.65 1.38
CA LYS C 272 -27.64 58.50 2.30
C LYS C 272 -27.95 58.17 3.76
N GLN C 273 -28.27 56.92 4.04
CA GLN C 273 -28.53 56.45 5.40
C GLN C 273 -27.58 55.32 5.74
N ASN C 274 -26.28 55.58 5.69
CA ASN C 274 -25.25 54.57 5.91
C ASN C 274 -24.75 54.57 7.35
N THR C 275 -25.55 55.04 8.29
CA THR C 275 -25.21 55.01 9.70
C THR C 275 -26.24 54.20 10.46
N PHE C 276 -25.87 53.83 11.70
CA PHE C 276 -26.76 53.02 12.52
C PHE C 276 -27.89 53.81 13.14
N THR C 277 -27.86 55.14 13.08
CA THR C 277 -28.89 55.98 13.67
C THR C 277 -29.67 56.66 12.55
N LEU C 278 -31.01 56.56 12.63
CA LEU C 278 -31.90 57.19 11.67
C LEU C 278 -32.65 58.33 12.35
N ASN C 279 -32.39 59.55 11.90
CA ASN C 279 -32.98 60.76 12.49
C ASN C 279 -34.01 61.34 11.53
N LEU C 280 -35.24 61.50 12.01
CA LEU C 280 -36.31 62.10 11.22
C LEU C 280 -36.58 63.49 11.78
N ARG C 281 -35.90 64.48 11.21
CA ARG C 281 -36.06 65.87 11.62
C ARG C 281 -37.25 66.49 10.89
N GLU C 282 -38.14 67.13 11.66
CA GLU C 282 -39.38 67.72 11.15
C GLU C 282 -40.24 66.66 10.45
N VAL C 283 -40.83 65.79 11.28
CA VAL C 283 -41.60 64.68 10.76
C VAL C 283 -42.90 65.17 10.14
N THR C 284 -43.37 64.44 9.13
CA THR C 284 -44.62 64.77 8.45
C THR C 284 -45.54 63.55 8.37
N GLN C 287 -44.02 60.30 6.11
CA GLN C 287 -42.99 59.37 6.57
C GLN C 287 -43.58 58.30 7.48
N SER C 288 -44.91 58.13 7.43
CA SER C 288 -45.58 57.15 8.27
C SER C 288 -45.53 55.78 7.61
N GLY C 289 -45.04 54.79 8.35
CA GLY C 289 -44.93 53.45 7.80
C GLY C 289 -44.15 52.55 8.75
N LYS C 290 -43.56 51.50 8.17
CA LYS C 290 -42.81 50.51 8.93
C LYS C 290 -41.33 50.64 8.59
N TYR C 291 -40.50 50.77 9.62
CA TYR C 291 -39.06 50.97 9.46
C TYR C 291 -38.33 49.78 10.07
N CYS C 292 -37.23 49.38 9.43
CA CYS C 292 -36.35 48.35 9.96
C CYS C 292 -35.00 48.48 9.26
N CYS C 293 -33.94 48.18 9.99
CA CYS C 293 -32.59 48.29 9.47
C CYS C 293 -32.08 46.94 8.97
N GLN C 294 -31.02 47.01 8.16
CA GLN C 294 -30.34 45.81 7.65
C GLN C 294 -28.85 46.02 7.78
N VAL C 295 -28.19 45.11 8.50
CA VAL C 295 -26.74 45.13 8.69
C VAL C 295 -26.17 43.86 8.08
N SER C 296 -25.11 44.01 7.30
CA SER C 296 -24.50 42.89 6.59
C SER C 296 -23.05 42.74 7.02
N ASN C 297 -22.55 41.50 6.90
CA ASN C 297 -21.17 41.19 7.23
C ASN C 297 -20.66 40.22 6.17
N ASP C 298 -19.61 39.47 6.51
CA ASP C 298 -19.05 38.51 5.57
C ASP C 298 -20.04 37.39 5.25
N VAL C 299 -20.91 37.04 6.21
CA VAL C 299 -21.86 35.95 6.00
C VAL C 299 -22.99 36.40 5.08
N GLY C 300 -23.72 37.44 5.48
CA GLY C 300 -24.82 37.93 4.71
C GLY C 300 -25.58 39.02 5.43
N PRO C 301 -26.77 39.35 4.92
CA PRO C 301 -27.57 40.42 5.51
C PRO C 301 -28.42 39.93 6.67
N GLY C 302 -28.75 40.86 7.56
CA GLY C 302 -29.62 40.57 8.67
C GLY C 302 -30.57 41.72 8.94
N ARG C 303 -31.87 41.44 9.05
CA ARG C 303 -32.89 42.45 9.24
C ARG C 303 -33.52 42.31 10.62
N SER C 304 -33.76 43.44 11.27
CA SER C 304 -34.40 43.47 12.57
C SER C 304 -35.92 43.52 12.39
N GLU C 305 -36.65 43.64 13.49
CA GLU C 305 -38.09 43.79 13.42
C GLU C 305 -38.46 45.17 12.91
N GLU C 306 -39.74 45.34 12.58
CA GLU C 306 -40.25 46.58 12.01
C GLU C 306 -41.01 47.37 13.07
N VAL C 307 -40.87 48.69 13.01
CA VAL C 307 -41.50 49.61 13.96
C VAL C 307 -42.44 50.53 13.17
N PHE C 308 -43.69 50.58 13.60
CA PHE C 308 -44.69 51.42 12.93
C PHE C 308 -44.41 52.90 13.23
N SER D 5 -1.85 6.72 0.87
CA SER D 5 -3.26 7.03 0.70
C SER D 5 -3.45 8.54 0.44
N SER D 6 -3.22 9.34 1.49
CA SER D 6 -3.44 10.79 1.46
C SER D 6 -2.71 11.47 2.59
N LYS D 7 -1.68 10.80 3.12
CA LYS D 7 -0.87 11.35 4.18
C LYS D 7 0.56 11.51 3.70
N TRP D 8 1.31 12.35 4.40
CA TRP D 8 2.69 12.64 4.02
C TRP D 8 3.54 11.38 4.15
N VAL D 9 4.36 11.12 3.14
CA VAL D 9 5.21 9.94 3.11
C VAL D 9 6.66 10.37 3.27
N PHE D 10 7.44 9.53 3.94
CA PHE D 10 8.86 9.79 4.20
C PHE D 10 9.66 8.53 3.95
N GLU D 11 10.78 8.68 3.24
CA GLU D 11 11.66 7.57 2.89
C GLU D 11 13.02 7.83 3.51
N HIS D 12 13.48 6.90 4.34
CA HIS D 12 14.76 6.96 5.02
C HIS D 12 14.99 5.63 5.73
N PRO D 13 16.25 5.28 6.01
CA PRO D 13 16.51 4.07 6.81
C PRO D 13 15.93 4.20 8.21
N GLU D 14 15.50 3.06 8.75
CA GLU D 14 14.88 3.08 10.07
C GLU D 14 15.87 3.51 11.15
N THR D 15 17.08 2.97 11.13
CA THR D 15 18.07 3.29 12.16
C THR D 15 19.41 3.56 11.50
N LEU D 16 20.09 4.62 11.93
CA LEU D 16 21.40 4.98 11.37
C LEU D 16 22.44 4.91 12.47
N TYR D 17 23.42 4.02 12.30
CA TYR D 17 24.39 3.78 13.35
C TYR D 17 25.66 4.59 13.11
N ALA D 18 26.28 4.99 14.21
CA ALA D 18 27.56 5.70 14.16
C ALA D 18 28.16 5.62 15.56
N TRP D 19 29.41 6.07 15.67
CA TRP D 19 30.15 6.02 16.93
C TRP D 19 30.68 7.42 17.26
N GLU D 20 31.14 7.57 18.51
CA GLU D 20 31.58 8.87 18.98
C GLU D 20 32.78 9.38 18.18
N GLY D 21 32.74 10.67 17.84
CA GLY D 21 33.83 11.34 17.15
C GLY D 21 33.69 11.39 15.64
N ALA D 22 32.98 10.44 15.05
CA ALA D 22 32.79 10.42 13.61
C ALA D 22 31.54 11.24 13.27
N CYS D 23 31.01 11.07 12.07
CA CYS D 23 29.86 11.82 11.59
C CYS D 23 28.78 10.85 11.14
N VAL D 24 27.59 11.40 10.90
CA VAL D 24 26.47 10.62 10.40
C VAL D 24 25.82 11.41 9.26
N TRP D 25 25.30 10.68 8.28
CA TRP D 25 24.64 11.26 7.13
C TRP D 25 23.29 10.58 6.97
N ILE D 26 22.22 11.33 7.14
CA ILE D 26 20.86 10.78 7.14
C ILE D 26 20.16 11.08 5.81
N PRO D 27 20.08 10.10 4.90
CA PRO D 27 19.31 10.31 3.66
C PRO D 27 17.82 10.34 3.94
N CYS D 28 17.10 11.13 3.16
CA CYS D 28 15.71 11.39 3.48
C CYS D 28 15.06 12.08 2.29
N THR D 29 14.03 11.45 1.74
CA THR D 29 13.16 12.06 0.76
C THR D 29 11.72 11.87 1.19
N TYR D 30 10.88 12.86 0.87
CA TYR D 30 9.50 12.86 1.34
C TYR D 30 8.60 13.48 0.26
N ARG D 31 7.30 13.60 0.61
CA ARG D 31 6.31 14.25 -0.26
C ARG D 31 5.21 14.79 0.63
N ALA D 32 5.18 16.10 0.83
CA ALA D 32 4.15 16.74 1.63
C ALA D 32 3.01 17.22 0.73
N LEU D 33 1.77 16.93 1.14
CA LEU D 33 0.64 17.26 0.28
C LEU D 33 0.18 18.70 0.46
N ASP D 34 0.41 19.29 1.62
CA ASP D 34 -0.07 20.63 1.89
C ASP D 34 0.84 21.73 1.33
N GLY D 35 1.72 21.41 0.39
CA GLY D 35 2.55 22.41 -0.24
C GLY D 35 3.96 22.47 0.34
N ASP D 36 4.59 23.63 0.14
CA ASP D 36 5.94 23.85 0.62
C ASP D 36 5.96 24.11 2.12
N LEU D 37 7.15 24.03 2.70
CA LEU D 37 7.32 24.10 4.14
C LEU D 37 7.59 25.53 4.60
N GLU D 38 7.14 25.82 5.82
CA GLU D 38 7.41 27.12 6.44
C GLU D 38 8.33 27.02 7.65
N SER D 39 8.45 25.85 8.28
CA SER D 39 9.33 25.65 9.41
C SER D 39 9.80 24.21 9.47
N PHE D 40 11.05 24.02 9.92
CA PHE D 40 11.63 22.68 10.10
C PHE D 40 12.42 22.68 11.41
N ILE D 41 11.98 21.85 12.35
CA ILE D 41 12.60 21.75 13.66
C ILE D 41 13.05 20.31 13.88
N LEU D 42 14.29 20.14 14.34
CA LEU D 42 14.89 18.84 14.60
C LEU D 42 14.95 18.64 16.12
N PHE D 43 14.04 17.82 16.63
CA PHE D 43 13.96 17.53 18.06
C PHE D 43 14.88 16.38 18.42
N HIS D 44 15.17 16.29 19.72
CA HIS D 44 15.89 15.14 20.27
C HIS D 44 15.06 14.61 21.43
N ASN D 45 14.51 13.40 21.26
CA ASN D 45 13.60 12.75 22.19
C ASN D 45 12.46 13.71 22.54
N PRO D 46 11.61 14.06 21.57
CA PRO D 46 10.51 14.97 21.87
C PRO D 46 9.42 14.27 22.66
N GLU D 47 8.83 15.02 23.59
CA GLU D 47 7.76 14.53 24.43
C GLU D 47 6.48 15.28 24.09
N TYR D 48 5.47 14.54 23.62
CA TYR D 48 4.16 15.10 23.31
C TYR D 48 3.38 15.31 24.61
N ASN D 49 3.04 16.56 24.90
CA ASN D 49 2.25 16.90 26.07
C ASN D 49 0.77 16.87 25.69
N LYS D 50 -0.02 16.07 26.41
CA LYS D 50 -1.43 15.95 26.08
C LYS D 50 -2.21 17.22 26.41
N ALA D 51 -1.77 17.95 27.43
CA ALA D 51 -2.47 19.17 27.82
C ALA D 51 -2.38 20.23 26.74
N THR D 52 -1.16 20.51 26.28
CA THR D 52 -0.89 21.54 25.28
C THR D 52 -1.01 21.03 23.84
N SER D 53 -1.01 19.71 23.63
CA SER D 53 -1.12 19.08 22.31
C SER D 53 0.00 19.52 21.38
N LYS D 54 1.20 19.70 21.95
CA LYS D 54 2.38 20.10 21.21
C LYS D 54 3.59 19.39 21.77
N PHE D 55 4.62 19.22 20.93
CA PHE D 55 5.80 18.46 21.31
C PHE D 55 6.81 19.35 22.05
N ASP D 56 7.47 18.77 23.04
CA ASP D 56 8.47 19.47 23.84
C ASP D 56 9.75 18.65 23.86
N GLY D 57 10.86 19.31 24.15
CA GLY D 57 12.12 18.62 24.33
C GLY D 57 13.27 19.38 23.71
N THR D 58 14.43 18.72 23.64
CA THR D 58 15.64 19.34 23.11
C THR D 58 15.52 19.56 21.61
N ARG D 59 15.83 20.78 21.16
CA ARG D 59 15.84 21.12 19.75
C ARG D 59 17.28 21.20 19.29
N LEU D 60 17.65 20.37 18.31
CA LEU D 60 19.00 20.39 17.77
C LEU D 60 19.15 21.35 16.61
N TYR D 61 18.06 21.73 15.95
CA TYR D 61 18.13 22.66 14.84
C TYR D 61 16.75 23.26 14.61
N GLU D 62 16.71 24.57 14.40
CA GLU D 62 15.48 25.29 14.08
C GLU D 62 15.69 26.13 12.84
N SER D 63 14.75 26.02 11.88
CA SER D 63 14.83 26.82 10.67
C SER D 63 14.40 28.26 10.89
N THR D 64 14.02 28.62 12.12
CA THR D 64 13.63 30.00 12.43
C THR D 64 14.48 30.56 13.58
N LYS D 74 28.31 25.08 11.29
CA LYS D 74 27.67 24.53 12.47
C LYS D 74 27.76 23.00 12.49
N ARG D 75 27.45 22.41 13.63
CA ARG D 75 27.52 20.95 13.77
C ARG D 75 26.30 20.29 13.14
N VAL D 76 25.11 20.58 13.67
CA VAL D 76 23.86 20.07 13.10
C VAL D 76 23.49 20.93 11.90
N GLN D 77 23.36 20.30 10.73
CA GLN D 77 23.11 21.01 9.48
C GLN D 77 22.01 20.34 8.68
N PHE D 78 20.97 21.11 8.35
CA PHE D 78 19.89 20.62 7.50
C PHE D 78 20.23 20.85 6.04
N LEU D 79 20.03 19.81 5.21
CA LEU D 79 20.47 19.85 3.82
C LEU D 79 19.33 19.63 2.83
N GLY D 80 18.08 19.80 3.26
CA GLY D 80 16.94 19.53 2.42
C GLY D 80 16.28 20.80 1.90
N ASP D 81 15.39 20.61 0.92
CA ASP D 81 14.63 21.73 0.39
C ASP D 81 13.33 21.90 1.18
N LYS D 82 12.20 22.01 0.46
CA LYS D 82 10.92 22.25 1.12
C LYS D 82 9.78 21.47 0.49
N ASN D 83 10.08 20.41 -0.27
CA ASN D 83 9.04 19.59 -0.87
C ASN D 83 9.58 18.28 -1.44
N LYS D 84 10.76 17.86 -1.00
CA LYS D 84 11.39 16.69 -1.60
C LYS D 84 12.49 16.10 -0.72
N ASN D 85 13.33 16.97 -0.17
CA ASN D 85 14.57 16.57 0.49
C ASN D 85 14.52 16.94 1.96
N CYS D 86 14.95 16.01 2.83
CA CYS D 86 14.97 16.20 4.28
C CYS D 86 16.25 15.62 4.89
N THR D 87 17.35 15.64 4.14
CA THR D 87 18.60 15.06 4.61
C THR D 87 19.16 15.84 5.79
N LEU D 88 19.57 15.12 6.84
CA LEU D 88 20.23 15.71 7.98
C LEU D 88 21.71 15.36 7.98
N SER D 89 22.48 16.09 8.77
CA SER D 89 23.93 15.92 8.82
C SER D 89 24.45 16.38 10.17
N ILE D 90 25.14 15.50 10.89
CA ILE D 90 25.72 15.79 12.20
C ILE D 90 27.21 15.51 12.09
N HIS D 91 28.02 16.57 12.20
CA HIS D 91 29.46 16.44 12.08
C HIS D 91 30.16 17.31 13.13
N PRO D 92 30.78 16.72 14.16
CA PRO D 92 30.81 15.27 14.43
C PRO D 92 29.64 14.80 15.26
N VAL D 93 29.32 13.53 15.19
CA VAL D 93 28.22 13.00 16.00
C VAL D 93 28.76 12.63 17.38
N HIS D 94 27.89 12.76 18.38
CA HIS D 94 28.27 12.55 19.77
C HIS D 94 27.34 11.54 20.41
N LEU D 95 27.81 10.99 21.54
CA LEU D 95 27.04 9.97 22.23
C LEU D 95 25.72 10.53 22.77
N ALA D 96 25.70 11.80 23.19
CA ALA D 96 24.47 12.40 23.67
C ALA D 96 23.40 12.50 22.58
N ASP D 97 23.80 12.48 21.30
CA ASP D 97 22.87 12.56 20.19
C ASP D 97 22.09 11.28 19.97
N SER D 98 22.48 10.20 20.63
CA SER D 98 21.79 8.93 20.47
C SER D 98 20.39 9.02 21.05
N GLY D 99 19.45 8.34 20.39
CA GLY D 99 18.08 8.35 20.86
C GLY D 99 17.06 8.38 19.74
N GLN D 100 15.99 9.14 19.92
CA GLN D 100 14.97 9.31 18.90
C GLN D 100 14.97 10.75 18.42
N LEU D 101 15.14 10.93 17.12
CA LEU D 101 15.12 12.25 16.51
C LEU D 101 13.76 12.49 15.90
N GLY D 102 13.21 13.68 16.15
CA GLY D 102 11.92 14.04 15.63
C GLY D 102 12.00 15.14 14.59
N LEU D 103 11.47 14.87 13.40
CA LEU D 103 11.46 15.83 12.30
C LEU D 103 10.09 16.47 12.26
N ARG D 104 9.92 17.57 12.98
CA ARG D 104 8.66 18.30 12.95
C ARG D 104 8.65 19.27 11.78
N MET D 105 7.55 19.26 11.03
CA MET D 105 7.42 20.02 9.80
C MET D 105 6.02 20.61 9.73
N GLU D 106 5.95 21.93 9.55
CA GLU D 106 4.70 22.67 9.45
C GLU D 106 4.64 23.39 8.12
N SER D 107 3.52 23.23 7.40
CA SER D 107 3.30 23.98 6.16
C SER D 107 2.39 25.17 6.39
N LYS D 108 1.56 25.51 5.39
CA LYS D 108 0.65 26.64 5.56
C LYS D 108 -0.56 26.28 6.43
N THR D 109 -1.01 25.03 6.39
CA THR D 109 -2.16 24.61 7.19
C THR D 109 -2.01 23.27 7.90
N GLU D 110 -1.08 22.40 7.50
CA GLU D 110 -0.90 21.10 8.12
C GLU D 110 0.48 21.02 8.78
N LYS D 111 0.58 20.14 9.78
CA LYS D 111 1.82 19.86 10.47
C LYS D 111 2.16 18.37 10.33
N TRP D 112 3.36 18.00 10.78
CA TRP D 112 3.80 16.61 10.68
C TRP D 112 5.05 16.39 11.52
N MET D 113 5.17 15.19 12.07
CA MET D 113 6.34 14.74 12.80
C MET D 113 6.78 13.39 12.25
N GLU D 114 8.09 13.19 12.16
CA GLU D 114 8.65 11.97 11.61
C GLU D 114 9.78 11.48 12.50
N ARG D 115 9.75 10.20 12.83
CA ARG D 115 10.71 9.58 13.75
C ARG D 115 11.86 9.00 12.95
N ILE D 116 13.08 9.25 13.42
CA ILE D 116 14.29 8.59 12.90
C ILE D 116 15.19 8.25 14.08
N HIS D 117 15.48 6.96 14.24
CA HIS D 117 16.33 6.50 15.35
C HIS D 117 17.80 6.71 15.01
N LEU D 118 18.53 7.40 15.89
CA LEU D 118 19.96 7.61 15.73
C LEU D 118 20.69 6.86 16.85
N ALA D 119 21.31 5.74 16.50
CA ALA D 119 22.01 4.87 17.45
C ALA D 119 23.50 5.20 17.43
N VAL D 120 23.94 6.02 18.39
CA VAL D 120 25.34 6.41 18.49
C VAL D 120 26.02 5.55 19.55
N SER D 121 27.19 5.03 19.20
CA SER D 121 27.94 4.11 20.04
C SER D 121 29.12 4.82 20.68
N GLU D 122 29.53 4.31 21.85
CA GLU D 122 30.67 4.91 22.53
C GLU D 122 31.99 4.51 21.87
N ARG D 123 32.08 3.29 21.35
CA ARG D 123 33.25 2.80 20.63
C ARG D 123 32.85 2.38 19.22
N PRO D 124 33.81 2.34 18.29
CA PRO D 124 33.49 1.86 16.92
C PRO D 124 33.08 0.39 16.94
N PHE D 125 31.88 0.11 16.40
CA PHE D 125 31.35 -1.24 16.39
C PHE D 125 31.98 -2.06 15.26
N PRO D 126 32.12 -3.36 15.46
CA PRO D 126 32.83 -4.20 14.47
C PRO D 126 31.96 -4.53 13.29
N PRO D 127 32.56 -4.83 12.13
CA PRO D 127 31.77 -5.27 10.97
C PRO D 127 31.37 -6.73 11.06
N HIS D 128 30.76 -7.25 10.00
CA HIS D 128 30.20 -8.60 10.01
C HIS D 128 30.66 -9.34 8.77
N ILE D 129 31.37 -10.45 8.97
CA ILE D 129 31.81 -11.29 7.87
C ILE D 129 30.70 -12.27 7.52
N GLN D 130 30.42 -12.40 6.23
CA GLN D 130 29.41 -13.32 5.73
C GLN D 130 30.10 -14.43 4.94
N LEU D 131 29.81 -15.69 5.30
CA LEU D 131 30.40 -16.86 4.69
C LEU D 131 29.34 -17.74 4.04
N PRO D 132 29.68 -18.43 2.95
CA PRO D 132 28.74 -19.40 2.37
C PRO D 132 28.57 -20.60 3.28
N PRO D 133 27.39 -21.22 3.28
CA PRO D 133 27.15 -22.32 4.22
C PRO D 133 28.03 -23.54 3.97
N GLU D 134 28.39 -23.81 2.72
CA GLU D 134 29.20 -24.96 2.37
C GLU D 134 30.40 -24.48 1.57
N ILE D 135 31.59 -24.69 2.11
CA ILE D 135 32.84 -24.31 1.46
C ILE D 135 33.70 -25.55 1.35
N GLN D 136 34.19 -25.83 0.14
CA GLN D 136 35.07 -26.97 -0.12
C GLN D 136 36.31 -26.50 -0.87
N GLU D 137 37.32 -27.38 -0.92
CA GLU D 137 38.58 -27.03 -1.56
C GLU D 137 38.40 -26.91 -3.07
N SER D 138 39.27 -26.09 -3.68
CA SER D 138 39.25 -25.84 -5.12
C SER D 138 37.88 -25.33 -5.59
N GLN D 139 37.15 -24.65 -4.71
CA GLN D 139 35.85 -24.04 -5.03
C GLN D 139 35.95 -22.55 -4.71
N GLU D 140 36.09 -21.73 -5.75
CA GLU D 140 36.19 -20.30 -5.56
C GLU D 140 34.94 -19.76 -4.88
N VAL D 141 35.12 -19.07 -3.76
CA VAL D 141 34.04 -18.47 -3.00
C VAL D 141 34.29 -16.96 -2.93
N THR D 142 33.27 -16.24 -2.45
CA THR D 142 33.37 -14.81 -2.26
C THR D 142 33.05 -14.49 -0.80
N LEU D 143 33.97 -13.80 -0.14
CA LEU D 143 33.77 -13.41 1.24
C LEU D 143 33.31 -11.97 1.30
N THR D 144 32.26 -11.72 2.06
CA THR D 144 31.67 -10.40 2.17
C THR D 144 31.83 -9.90 3.60
N CYS D 145 32.21 -8.64 3.73
CA CYS D 145 32.33 -7.96 5.03
C CYS D 145 31.44 -6.73 5.01
N LEU D 146 30.45 -6.71 5.90
CA LEU D 146 29.48 -5.62 5.97
C LEU D 146 29.68 -4.81 7.24
N LEU D 147 29.49 -3.50 7.12
CA LEU D 147 29.50 -2.58 8.26
C LEU D 147 28.33 -1.63 8.12
N ALA D 148 27.54 -1.47 9.18
CA ALA D 148 26.34 -0.63 9.13
C ALA D 148 26.69 0.85 9.35
N PHE D 149 27.57 1.36 8.49
CA PHE D 149 28.05 2.74 8.63
C PHE D 149 28.71 3.19 7.33
N SER D 150 28.55 4.48 7.04
CA SER D 150 29.14 5.12 5.85
C SER D 150 28.86 6.61 5.81
N CYS D 151 29.69 7.41 6.46
CA CYS D 151 29.55 8.86 6.42
C CYS D 151 30.49 9.45 5.39
N TYR D 152 30.11 10.62 4.86
CA TYR D 152 30.93 11.30 3.87
C TYR D 152 32.17 11.94 4.49
N GLY D 153 31.99 12.66 5.60
CA GLY D 153 33.10 13.36 6.21
C GLY D 153 33.98 12.50 7.09
N TYR D 154 33.95 11.19 6.86
CA TYR D 154 34.75 10.26 7.66
C TYR D 154 34.91 8.97 6.89
N PRO D 155 35.91 8.92 6.00
CA PRO D 155 36.10 7.71 5.19
C PRO D 155 36.70 6.58 6.01
N ILE D 156 36.43 5.36 5.57
CA ILE D 156 36.92 4.15 6.22
C ILE D 156 37.34 3.16 5.15
N GLN D 157 37.97 2.06 5.60
CA GLN D 157 38.37 0.98 4.72
C GLN D 157 38.27 -0.34 5.46
N LEU D 158 38.06 -1.41 4.69
CA LEU D 158 37.95 -2.77 5.21
C LEU D 158 39.11 -3.60 4.67
N GLN D 159 39.94 -4.13 5.56
CA GLN D 159 41.13 -4.88 5.19
C GLN D 159 40.96 -6.35 5.57
N TRP D 160 41.24 -7.24 4.61
CA TRP D 160 41.17 -8.68 4.86
C TRP D 160 42.51 -9.22 5.35
N LEU D 161 42.45 -10.20 6.25
CA LEU D 161 43.65 -10.85 6.78
C LEU D 161 43.44 -12.35 6.85
N LEU D 162 44.45 -13.11 6.42
CA LEU D 162 44.47 -14.56 6.51
C LEU D 162 45.55 -14.94 7.51
N GLU D 163 45.14 -15.30 8.73
CA GLU D 163 46.06 -15.69 9.80
C GLU D 163 47.00 -14.53 10.17
N GLY D 164 46.42 -13.33 10.32
CA GLY D 164 47.19 -12.16 10.72
C GLY D 164 48.00 -11.52 9.62
N VAL D 165 47.80 -11.91 8.36
CA VAL D 165 48.60 -11.45 7.23
C VAL D 165 47.65 -10.93 6.14
N PRO D 166 47.93 -9.78 5.54
CA PRO D 166 47.05 -9.26 4.50
C PRO D 166 46.97 -10.20 3.31
N MET D 167 45.74 -10.54 2.92
CA MET D 167 45.53 -11.41 1.78
C MET D 167 45.95 -10.70 0.51
N ARG D 168 46.49 -11.47 -0.43
CA ARG D 168 46.92 -10.94 -1.71
C ARG D 168 45.79 -10.90 -2.72
N GLN D 169 44.61 -11.40 -2.38
CA GLN D 169 43.48 -11.32 -3.29
C GLN D 169 42.92 -9.92 -3.32
N ALA D 170 42.46 -9.50 -4.49
CA ALA D 170 41.89 -8.17 -4.65
C ALA D 170 40.46 -8.16 -4.13
N ALA D 171 40.14 -7.11 -3.38
CA ALA D 171 38.81 -6.93 -2.82
C ALA D 171 38.09 -5.80 -3.55
N VAL D 172 36.77 -5.87 -3.54
CA VAL D 172 35.91 -4.83 -4.13
C VAL D 172 35.15 -4.19 -2.98
N THR D 173 35.43 -2.92 -2.71
CA THR D 173 34.75 -2.17 -1.68
C THR D 173 33.65 -1.33 -2.31
N SER D 174 32.42 -1.48 -1.81
CA SER D 174 31.27 -0.74 -2.31
C SER D 174 30.57 -0.08 -1.14
N THR D 175 30.14 1.17 -1.33
CA THR D 175 29.39 1.89 -0.32
C THR D 175 28.07 2.36 -0.89
N SER D 176 27.06 2.42 -0.03
CA SER D 176 25.74 2.93 -0.37
C SER D 176 25.31 3.91 0.69
N LEU D 177 24.66 4.99 0.28
CA LEU D 177 24.22 6.05 1.19
C LEU D 177 22.84 6.55 0.77
N THR D 178 21.94 5.61 0.45
CA THR D 178 20.61 5.92 -0.05
C THR D 178 19.58 5.84 1.07
N ILE D 179 18.33 6.17 0.73
CA ILE D 179 17.25 6.13 1.71
C ILE D 179 16.84 4.71 2.06
N LYS D 180 17.42 3.71 1.40
CA LYS D 180 17.05 2.33 1.65
C LYS D 180 17.94 1.69 2.71
N SER D 181 19.24 1.88 2.60
CA SER D 181 20.17 1.31 3.56
C SER D 181 21.49 2.05 3.48
N VAL D 182 22.27 1.94 4.55
CA VAL D 182 23.58 2.57 4.65
C VAL D 182 24.57 1.52 5.11
N PHE D 183 25.58 1.24 4.29
CA PHE D 183 26.54 0.21 4.64
C PHE D 183 27.87 0.51 3.94
N THR D 184 28.85 -0.35 4.21
CA THR D 184 30.13 -0.34 3.51
C THR D 184 30.54 -1.79 3.28
N ARG D 185 30.30 -2.28 2.07
CA ARG D 185 30.51 -3.68 1.73
C ARG D 185 31.89 -3.88 1.10
N SER D 186 32.51 -5.02 1.42
CA SER D 186 33.77 -5.42 0.82
C SER D 186 33.68 -6.89 0.44
N GLU D 187 33.83 -7.18 -0.85
CA GLU D 187 33.78 -8.54 -1.36
C GLU D 187 35.17 -8.98 -1.80
N LEU D 188 35.52 -10.23 -1.52
CA LEU D 188 36.82 -10.79 -1.85
C LEU D 188 36.64 -12.18 -2.45
N LYS D 189 37.09 -12.37 -3.69
CA LYS D 189 37.12 -13.71 -4.28
C LYS D 189 38.26 -14.51 -3.67
N PHE D 190 38.03 -15.82 -3.52
CA PHE D 190 38.99 -16.66 -2.82
C PHE D 190 38.75 -18.12 -3.20
N SER D 191 39.82 -18.84 -3.53
CA SER D 191 39.73 -20.27 -3.85
C SER D 191 40.44 -21.05 -2.75
N PRO D 192 39.71 -21.51 -1.74
CA PRO D 192 40.38 -22.14 -0.59
C PRO D 192 40.97 -23.49 -0.94
N GLN D 193 42.06 -23.81 -0.25
CA GLN D 193 42.67 -25.12 -0.29
C GLN D 193 42.28 -25.88 0.98
N TRP D 194 42.70 -27.14 1.05
CA TRP D 194 42.45 -27.92 2.25
C TRP D 194 43.29 -27.41 3.41
N SER D 195 44.45 -26.81 3.12
CA SER D 195 45.27 -26.28 4.21
C SER D 195 44.62 -25.06 4.85
N HIS D 196 43.75 -24.36 4.12
CA HIS D 196 43.05 -23.21 4.66
C HIS D 196 42.00 -23.59 5.70
N HIS D 197 41.64 -24.86 5.77
CA HIS D 197 40.70 -25.32 6.78
C HIS D 197 41.24 -25.06 8.18
N GLY D 198 40.41 -24.46 9.02
CA GLY D 198 40.82 -24.17 10.37
C GLY D 198 41.58 -22.87 10.53
N LYS D 199 41.81 -22.14 9.45
CA LYS D 199 42.53 -20.87 9.46
C LYS D 199 41.61 -19.70 9.75
N ILE D 200 42.20 -18.62 10.25
CA ILE D 200 41.48 -17.46 10.75
C ILE D 200 41.46 -16.36 9.70
N VAL D 201 40.26 -15.88 9.37
CA VAL D 201 40.09 -14.75 8.46
C VAL D 201 39.63 -13.57 9.30
N THR D 202 40.20 -12.40 9.02
CA THR D 202 39.90 -11.21 9.80
C THR D 202 39.60 -10.06 8.86
N CYS D 203 38.45 -9.42 9.05
CA CYS D 203 38.10 -8.18 8.36
C CYS D 203 38.26 -7.04 9.36
N GLN D 204 39.14 -6.09 9.04
CA GLN D 204 39.48 -4.99 9.94
C GLN D 204 38.86 -3.70 9.46
N LEU D 205 38.38 -2.90 10.42
CA LEU D 205 37.84 -1.58 10.13
C LEU D 205 38.89 -0.54 10.47
N GLN D 206 39.32 0.23 9.47
CA GLN D 206 40.32 1.25 9.65
C GLN D 206 39.79 2.58 9.13
N ASP D 207 40.47 3.66 9.51
CA ASP D 207 40.11 4.98 9.01
C ASP D 207 40.92 5.28 7.76
N ALA D 208 41.01 6.55 7.37
CA ALA D 208 41.73 6.90 6.15
C ALA D 208 43.20 6.52 6.25
N ASP D 209 43.87 6.98 7.32
CA ASP D 209 45.31 6.74 7.45
C ASP D 209 45.63 5.27 7.68
N GLY D 210 44.70 4.52 8.28
CA GLY D 210 44.92 3.11 8.50
C GLY D 210 44.86 2.73 9.97
N LYS D 211 44.42 3.66 10.82
CA LYS D 211 44.32 3.38 12.25
C LYS D 211 43.29 2.28 12.48
N PHE D 212 43.64 1.32 13.33
CA PHE D 212 42.72 0.24 13.63
C PHE D 212 41.55 0.75 14.46
N LEU D 213 40.33 0.43 14.03
CA LEU D 213 39.12 0.79 14.76
C LEU D 213 38.44 -0.42 15.37
N SER D 214 38.06 -1.39 14.55
CA SER D 214 37.40 -2.62 15.02
C SER D 214 37.61 -3.70 13.97
N ALA D 215 37.24 -4.93 14.34
CA ALA D 215 37.40 -6.05 13.43
C ALA D 215 36.52 -7.21 13.89
N ASP D 216 36.34 -8.17 12.98
CA ASP D 216 35.59 -9.40 13.19
C ASP D 216 36.37 -10.56 12.59
N THR D 217 36.47 -11.66 13.33
CA THR D 217 37.24 -12.81 12.89
C THR D 217 36.36 -14.04 12.81
N VAL D 218 36.64 -14.90 11.84
CA VAL D 218 35.94 -16.16 11.64
C VAL D 218 36.96 -17.25 11.32
N GLN D 219 36.63 -18.47 11.69
CA GLN D 219 37.50 -19.62 11.46
C GLN D 219 36.94 -20.45 10.31
N LEU D 220 37.79 -20.75 9.33
CA LEU D 220 37.34 -21.39 8.11
C LEU D 220 37.00 -22.86 8.35
N ASN D 221 35.91 -23.29 7.74
CA ASN D 221 35.45 -24.67 7.77
C ASN D 221 35.41 -25.16 6.33
N VAL D 222 36.58 -25.54 5.82
CA VAL D 222 36.74 -26.00 4.45
C VAL D 222 36.64 -27.52 4.44
N LYS D 223 35.65 -28.04 3.72
CA LYS D 223 35.52 -29.48 3.52
C LYS D 223 36.45 -29.94 2.41
N HIS D 224 37.07 -31.10 2.59
CA HIS D 224 38.03 -31.58 1.62
C HIS D 224 38.11 -33.09 1.71
N THR D 225 38.49 -33.71 0.59
CA THR D 225 38.72 -35.14 0.55
C THR D 225 39.87 -35.49 1.48
N PRO D 226 39.91 -36.73 1.97
CA PRO D 226 40.99 -37.12 2.88
C PRO D 226 42.36 -37.01 2.22
N LYS D 227 43.29 -36.37 2.93
CA LYS D 227 44.67 -36.23 2.47
C LYS D 227 45.48 -37.31 3.16
N LEU D 228 45.87 -38.35 2.42
CA LEU D 228 46.39 -39.57 3.00
C LEU D 228 47.92 -39.59 3.03
N GLU D 229 48.44 -40.53 3.81
CA GLU D 229 49.87 -40.73 4.00
C GLU D 229 50.11 -42.21 4.27
N ILE D 230 51.02 -42.81 3.50
CA ILE D 230 51.23 -44.25 3.52
C ILE D 230 52.67 -44.54 3.95
N LYS D 231 52.82 -45.59 4.76
CA LYS D 231 54.13 -46.06 5.20
C LYS D 231 54.23 -47.55 4.91
N VAL D 232 55.48 -48.04 4.77
CA VAL D 232 55.74 -49.42 4.43
C VAL D 232 56.92 -49.95 5.26
N THR D 233 56.78 -51.18 5.76
CA THR D 233 57.83 -51.91 6.45
C THR D 233 58.11 -53.21 5.71
N PRO D 234 59.33 -53.48 5.26
CA PRO D 234 60.56 -52.69 5.47
C PRO D 234 60.57 -51.36 4.70
N SER D 235 61.40 -50.43 5.17
CA SER D 235 61.35 -49.07 4.63
C SER D 235 61.76 -49.04 3.17
N ASP D 236 62.73 -49.88 2.78
CA ASP D 236 63.17 -49.94 1.38
C ASP D 236 62.12 -50.60 0.49
N ALA D 237 61.14 -51.29 1.07
CA ALA D 237 60.06 -51.93 0.32
C ALA D 237 60.61 -52.90 -0.72
N ILE D 238 61.45 -53.84 -0.26
CA ILE D 238 62.02 -54.86 -1.13
C ILE D 238 61.87 -56.26 -0.53
N GLY D 242 60.17 -63.86 -0.35
CA GLY D 242 59.19 -64.55 0.46
C GLY D 242 59.14 -64.14 1.92
N ASP D 243 59.09 -62.83 2.18
CA ASP D 243 59.02 -62.31 3.55
C ASP D 243 57.61 -61.88 3.94
N SER D 244 57.51 -60.85 4.79
CA SER D 244 56.23 -60.28 5.21
C SER D 244 56.32 -58.76 5.15
N VAL D 245 55.25 -58.12 4.67
CA VAL D 245 55.21 -56.68 4.47
C VAL D 245 54.03 -56.12 5.25
N THR D 246 54.24 -54.96 5.87
CA THR D 246 53.19 -54.25 6.59
C THR D 246 53.08 -52.85 6.01
N MET D 247 51.87 -52.49 5.58
CA MET D 247 51.60 -51.17 5.05
C MET D 247 50.52 -50.51 5.88
N THR D 248 50.73 -49.24 6.23
CA THR D 248 49.78 -48.47 7.00
C THR D 248 49.30 -47.28 6.20
N CYS D 249 48.06 -46.89 6.45
CA CYS D 249 47.43 -45.75 5.81
C CYS D 249 46.99 -44.79 6.90
N GLU D 250 47.45 -43.54 6.83
CA GLU D 250 47.18 -42.55 7.86
C GLU D 250 46.45 -41.35 7.26
N VAL D 251 45.32 -40.99 7.86
CA VAL D 251 44.52 -39.86 7.40
C VAL D 251 45.07 -38.62 8.08
N SER D 252 45.81 -37.80 7.33
CA SER D 252 46.41 -36.61 7.91
C SER D 252 45.41 -35.47 8.05
N SER D 253 44.39 -35.42 7.19
CA SER D 253 43.38 -34.38 7.28
C SER D 253 42.15 -34.83 6.50
N SER D 254 40.97 -34.55 7.05
CA SER D 254 39.72 -34.94 6.39
C SER D 254 38.57 -34.15 6.98
N ASN D 255 37.83 -33.48 6.12
CA ASN D 255 36.65 -32.73 6.54
C ASN D 255 35.56 -32.93 5.50
N PRO D 256 34.44 -33.59 5.85
CA PRO D 256 34.20 -34.14 7.18
C PRO D 256 35.00 -35.41 7.44
N GLU D 257 34.74 -36.07 8.57
CA GLU D 257 35.45 -37.31 8.89
C GLU D 257 35.22 -38.36 7.81
N TYR D 258 36.16 -39.29 7.71
CA TYR D 258 36.11 -40.33 6.70
C TYR D 258 35.12 -41.42 7.07
N THR D 259 34.70 -42.18 6.06
CA THR D 259 33.70 -43.23 6.23
C THR D 259 34.17 -44.61 5.81
N THR D 260 34.96 -44.71 4.74
CA THR D 260 35.37 -46.00 4.21
C THR D 260 36.84 -45.95 3.82
N VAL D 261 37.51 -47.09 3.98
CA VAL D 261 38.92 -47.24 3.62
C VAL D 261 39.08 -48.52 2.82
N SER D 262 39.84 -48.44 1.74
CA SER D 262 40.07 -49.57 0.85
C SER D 262 41.54 -49.59 0.42
N TRP D 263 41.95 -50.72 -0.15
CA TRP D 263 43.31 -50.91 -0.65
C TRP D 263 43.27 -51.31 -2.12
N LEU D 264 44.26 -50.84 -2.88
CA LEU D 264 44.35 -51.11 -4.31
C LEU D 264 45.75 -51.60 -4.65
N LYS D 265 45.82 -52.51 -5.61
CA LYS D 265 47.08 -53.06 -6.10
C LYS D 265 47.11 -52.92 -7.61
N ASP D 266 47.98 -52.04 -8.10
CA ASP D 266 48.11 -51.78 -9.55
C ASP D 266 46.77 -51.37 -10.15
N GLY D 267 46.01 -50.55 -9.43
CA GLY D 267 44.72 -50.07 -9.88
C GLY D 267 43.55 -50.95 -9.51
N THR D 268 43.79 -52.24 -9.32
CA THR D 268 42.73 -53.18 -8.96
C THR D 268 42.59 -53.24 -7.45
N SER D 269 41.35 -53.14 -6.97
CA SER D 269 41.10 -53.09 -5.54
C SER D 269 41.27 -54.49 -4.93
N LEU D 270 41.95 -54.55 -3.79
CA LEU D 270 42.13 -55.81 -3.07
C LEU D 270 40.89 -56.13 -2.27
N LYS D 271 40.37 -57.35 -2.46
CA LYS D 271 39.14 -57.73 -1.77
C LYS D 271 39.40 -57.99 -0.30
N LYS D 272 38.39 -57.71 0.53
CA LYS D 272 38.43 -57.94 1.98
C LYS D 272 39.61 -57.22 2.63
N GLN D 273 39.74 -55.90 2.35
CA GLN D 273 40.79 -55.04 2.89
C GLN D 273 40.15 -53.69 3.28
N ASN D 274 39.46 -53.67 4.41
CA ASN D 274 38.68 -52.52 4.84
C ASN D 274 39.25 -51.88 6.11
N THR D 275 40.56 -52.02 6.32
CA THR D 275 41.23 -51.44 7.47
C THR D 275 42.46 -50.66 7.01
N PHE D 276 42.95 -49.79 7.90
CA PHE D 276 44.06 -48.92 7.57
C PHE D 276 45.40 -49.65 7.54
N THR D 277 45.44 -50.92 7.92
CA THR D 277 46.68 -51.69 7.96
C THR D 277 46.59 -52.85 6.99
N LEU D 278 47.62 -53.01 6.15
CA LEU D 278 47.69 -54.07 5.17
C LEU D 278 48.92 -54.93 5.46
N ASN D 279 48.69 -56.16 5.92
CA ASN D 279 49.75 -57.10 6.24
C ASN D 279 49.76 -58.19 5.17
N LEU D 280 50.89 -58.35 4.51
CA LEU D 280 51.05 -59.36 3.47
C LEU D 280 51.86 -60.50 4.08
N ARG D 281 51.16 -61.59 4.43
CA ARG D 281 51.79 -62.76 5.01
C ARG D 281 52.22 -63.71 3.90
N GLU D 282 53.49 -64.11 3.93
CA GLU D 282 54.08 -65.04 2.96
C GLU D 282 53.93 -64.49 1.54
N VAL D 283 54.74 -63.48 1.24
CA VAL D 283 54.60 -62.79 -0.03
C VAL D 283 55.16 -63.65 -1.16
N THR D 284 54.58 -63.48 -2.34
CA THR D 284 55.05 -64.12 -3.55
C THR D 284 55.42 -63.05 -4.58
N LYS D 285 56.07 -63.49 -5.66
CA LYS D 285 56.46 -62.54 -6.70
C LYS D 285 55.27 -62.05 -7.53
N ASP D 286 54.19 -62.83 -7.58
CA ASP D 286 52.98 -62.36 -8.24
C ASP D 286 52.34 -61.21 -7.50
N GLN D 287 52.54 -61.15 -6.19
CA GLN D 287 51.97 -60.09 -5.36
C GLN D 287 52.76 -58.80 -5.46
N SER D 288 53.86 -58.78 -6.18
CA SER D 288 54.68 -57.59 -6.32
C SER D 288 54.03 -56.60 -7.27
N GLY D 289 53.90 -55.35 -6.84
CA GLY D 289 53.27 -54.32 -7.65
C GLY D 289 53.31 -52.94 -7.04
N LYS D 290 52.26 -52.14 -7.26
CA LYS D 290 52.16 -50.79 -6.74
C LYS D 290 50.91 -50.69 -5.88
N TYR D 291 51.10 -50.33 -4.61
CA TYR D 291 50.03 -50.34 -3.62
C TYR D 291 49.69 -48.91 -3.18
N CYS D 292 48.43 -48.72 -2.80
CA CYS D 292 47.94 -47.45 -2.28
C CYS D 292 46.58 -47.70 -1.64
N CYS D 293 46.19 -46.79 -0.74
CA CYS D 293 44.90 -46.87 -0.09
C CYS D 293 43.97 -45.77 -0.60
N GLN D 294 42.66 -46.02 -0.52
CA GLN D 294 41.66 -45.04 -0.90
C GLN D 294 40.68 -44.87 0.25
N VAL D 295 40.79 -43.75 0.95
CA VAL D 295 39.88 -43.41 2.03
C VAL D 295 38.93 -42.35 1.51
N SER D 296 37.65 -42.50 1.84
CA SER D 296 36.61 -41.62 1.33
C SER D 296 35.81 -41.04 2.48
N ASN D 297 35.12 -39.95 2.19
CA ASN D 297 34.24 -39.26 3.12
C ASN D 297 33.07 -38.69 2.33
N ASP D 298 32.36 -37.72 2.93
CA ASP D 298 31.23 -37.10 2.27
C ASP D 298 31.64 -36.36 1.00
N VAL D 299 32.84 -35.78 0.98
CA VAL D 299 33.25 -35.03 -0.21
C VAL D 299 33.59 -35.97 -1.36
N GLY D 300 34.27 -37.07 -1.06
CA GLY D 300 34.64 -38.03 -2.07
C GLY D 300 35.82 -38.89 -1.66
N PRO D 301 36.36 -39.64 -2.60
CA PRO D 301 37.49 -40.53 -2.29
C PRO D 301 38.83 -39.84 -2.42
N GLY D 302 39.73 -40.20 -1.51
CA GLY D 302 41.08 -39.70 -1.55
C GLY D 302 42.09 -40.82 -1.61
N ARG D 303 43.07 -40.70 -2.51
CA ARG D 303 44.07 -41.72 -2.72
C ARG D 303 45.44 -41.21 -2.30
N SER D 304 46.26 -42.11 -1.73
CA SER D 304 47.61 -41.80 -1.31
C SER D 304 48.60 -42.10 -2.44
N GLU D 305 49.88 -41.87 -2.15
CA GLU D 305 50.90 -42.20 -3.13
C GLU D 305 51.06 -43.70 -3.28
N GLU D 306 51.86 -44.10 -4.26
CA GLU D 306 52.10 -45.51 -4.57
C GLU D 306 53.41 -45.97 -3.93
N VAL D 307 53.39 -47.21 -3.46
CA VAL D 307 54.57 -47.87 -2.88
C VAL D 307 54.96 -49.01 -3.81
N PHE D 308 56.24 -49.03 -4.20
CA PHE D 308 56.75 -50.03 -5.13
C PHE D 308 57.31 -51.21 -4.33
N LEU D 309 56.50 -52.26 -4.18
CA LEU D 309 56.92 -53.47 -3.49
C LEU D 309 57.66 -54.39 -4.47
N GLN D 310 58.80 -54.92 -4.04
CA GLN D 310 59.67 -55.73 -4.89
C GLN D 310 59.99 -57.05 -4.18
N VAL D 311 59.46 -58.14 -4.73
CA VAL D 311 59.68 -59.47 -4.15
C VAL D 311 60.72 -60.22 -4.97
#